data_3TOV
#
_entry.id   3TOV
#
_cell.length_a   78.708
_cell.length_b   95.394
_cell.length_c   121.494
_cell.angle_alpha   90.00
_cell.angle_beta   90.00
_cell.angle_gamma   90.00
#
_symmetry.space_group_name_H-M   'P 21 21 21'
#
loop_
_entity.id
_entity.type
_entity.pdbx_description
1 polymer 'Glycosyl transferase family 9'
2 non-polymer 'SULFATE ION'
3 water water
#
_entity_poly.entity_id   1
_entity_poly.type   'polypeptide(L)'
_entity_poly.pdbx_seq_one_letter_code
;SNA(MSE)ELDYKRIVVTFL(MSE)HLGDVILTTPFLEVLRKAAPHSHITYVIDEKLQQV(MSE)EYNPNIDELIVVDKK
GRHNSISGLNEVAREINAKGKTDIVINLHPNERTSYLAWKIHAPITTG(MSE)SHFLFRPF(MSE)TKYTRLDRKTRHAA
D(MSE)YINVLEQLGVTDTSNSGLHIEICEEWRCQAQEFYSSHGLTDTDILIGFNIGSAVPEKRWPAERFAHVADYFGRL
GYKTVFFGGP(MSE)DLE(MSE)VQPVVEQ(MSE)ETKPIVATGKFQLGPLAAA(MSE)NRCNLLITNDSGP(MSE)HVG
ISQGVPIVALYGPSNPFFYGPYQAHAIVLET(MSE)DSYEIGKS(MSE)KKIIKEGNYKGLSVISEEQVIKAAETLLLES
K
;
_entity_poly.pdbx_strand_id   A,B
#
loop_
_chem_comp.id
_chem_comp.type
_chem_comp.name
_chem_comp.formula
SO4 non-polymer 'SULFATE ION' 'O4 S -2'
#
# COMPACT_ATOMS: atom_id res chain seq x y z
N SER A 1 -25.93 11.06 -25.93
CA SER A 1 -24.76 10.29 -25.48
C SER A 1 -24.71 10.15 -23.95
N ASN A 2 -23.91 9.20 -23.48
CA ASN A 2 -23.87 8.84 -22.07
C ASN A 2 -22.98 9.75 -21.23
N ALA A 3 -22.48 10.82 -21.86
CA ALA A 3 -21.66 11.81 -21.16
C ALA A 3 -22.46 13.07 -20.92
N MSE A 4 -21.80 14.09 -20.44
CA MSE A 4 -22.39 15.42 -20.37
C MSE A 4 -21.47 16.38 -21.11
O MSE A 4 -20.28 16.45 -20.80
CB MSE A 4 -22.54 15.87 -18.92
CG MSE A 4 -22.73 17.38 -18.78
SE MSE A 4 -23.61 17.87 -17.11
CE MSE A 4 -25.17 16.70 -17.30
N GLU A 5 -22.00 17.10 -22.08
CA GLU A 5 -21.16 18.02 -22.84
C GLU A 5 -20.82 19.27 -22.03
N LEU A 6 -19.56 19.39 -21.67
CA LEU A 6 -19.08 20.47 -20.82
C LEU A 6 -18.46 21.61 -21.61
N ASP A 7 -17.69 21.27 -22.65
CA ASP A 7 -16.98 22.29 -23.43
C ASP A 7 -17.95 23.26 -24.12
N TYR A 8 -17.55 24.52 -24.24
CA TYR A 8 -18.36 25.53 -24.91
C TYR A 8 -19.62 25.95 -24.13
N LYS A 9 -19.56 25.86 -22.81
CA LYS A 9 -20.73 26.17 -21.99
C LYS A 9 -20.40 27.20 -20.88
N ARG A 10 -21.42 27.90 -20.42
CA ARG A 10 -21.28 28.74 -19.23
C ARG A 10 -21.62 27.91 -18.01
N ILE A 11 -20.69 27.84 -17.08
CA ILE A 11 -20.82 26.93 -15.95
C ILE A 11 -20.62 27.64 -14.62
N VAL A 12 -21.45 27.31 -13.63
CA VAL A 12 -21.23 27.82 -12.29
C VAL A 12 -20.87 26.69 -11.29
N VAL A 13 -19.88 26.94 -10.46
CA VAL A 13 -19.52 26.01 -9.40
C VAL A 13 -19.83 26.66 -8.06
N THR A 14 -20.55 25.94 -7.22
CA THR A 14 -20.94 26.47 -5.94
C THR A 14 -20.28 25.66 -4.85
N PHE A 15 -19.37 26.31 -4.11
CA PHE A 15 -18.74 25.74 -2.94
C PHE A 15 -18.54 26.86 -1.87
N LEU A 16 -19.29 26.79 -0.78
CA LEU A 16 -19.15 27.78 0.25
C LEU A 16 -18.58 27.21 1.54
N MSE A 17 -17.57 26.35 1.43
CA MSE A 17 -16.98 25.74 2.62
C MSE A 17 -15.76 26.47 3.14
O MSE A 17 -15.55 27.66 2.87
CB MSE A 17 -16.67 24.27 2.38
CG MSE A 17 -17.92 23.41 2.13
SE MSE A 17 -17.63 21.46 2.05
CE MSE A 17 -17.41 21.14 3.97
N HIS A 18 -14.94 25.75 3.89
CA HIS A 18 -13.88 26.35 4.68
C HIS A 18 -12.54 26.33 3.95
N LEU A 19 -11.58 27.11 4.44
CA LEU A 19 -10.29 27.25 3.78
C LEU A 19 -9.72 25.94 3.22
N GLY A 20 -9.74 24.88 4.03
CA GLY A 20 -9.18 23.61 3.62
C GLY A 20 -9.99 22.94 2.53
N ASP A 21 -11.27 22.71 2.81
CA ASP A 21 -12.15 22.12 1.83
C ASP A 21 -12.04 22.87 0.52
N VAL A 22 -11.91 24.18 0.54
CA VAL A 22 -11.83 24.93 -0.72
C VAL A 22 -10.58 24.60 -1.53
N ILE A 23 -9.42 24.73 -0.92
CA ILE A 23 -8.19 24.48 -1.65
C ILE A 23 -8.23 23.11 -2.31
N LEU A 24 -8.92 22.18 -1.67
CA LEU A 24 -9.07 20.80 -2.16
C LEU A 24 -9.96 20.69 -3.39
N THR A 25 -10.71 21.74 -3.70
CA THR A 25 -11.55 21.76 -4.89
C THR A 25 -10.73 22.27 -6.07
N THR A 26 -9.48 22.60 -5.80
CA THR A 26 -8.68 23.31 -6.78
C THR A 26 -8.13 22.43 -7.94
N PRO A 27 -7.81 21.15 -7.66
CA PRO A 27 -7.36 20.21 -8.70
C PRO A 27 -8.52 19.77 -9.59
N PHE A 28 -9.68 19.56 -8.97
CA PHE A 28 -10.93 19.43 -9.70
C PHE A 28 -11.14 20.58 -10.72
N LEU A 29 -10.76 21.79 -10.33
CA LEU A 29 -10.92 22.94 -11.20
C LEU A 29 -9.97 22.95 -12.36
N GLU A 30 -8.85 22.24 -12.21
CA GLU A 30 -7.90 22.09 -13.30
C GLU A 30 -8.46 21.07 -14.27
N VAL A 31 -8.96 19.97 -13.71
CA VAL A 31 -9.53 18.90 -14.49
C VAL A 31 -10.75 19.39 -15.28
N LEU A 32 -11.55 20.23 -14.64
CA LEU A 32 -12.70 20.80 -15.30
C LEU A 32 -12.23 21.55 -16.52
N ARG A 33 -11.39 22.55 -16.29
CA ARG A 33 -10.91 23.40 -17.37
C ARG A 33 -10.22 22.61 -18.51
N LYS A 34 -9.77 21.40 -18.21
CA LYS A 34 -9.13 20.58 -19.24
C LYS A 34 -10.17 20.05 -20.22
N ALA A 35 -11.29 19.61 -19.65
CA ALA A 35 -12.42 19.07 -20.41
C ALA A 35 -13.35 20.18 -20.90
N ALA A 36 -13.07 21.41 -20.53
CA ALA A 36 -13.92 22.53 -20.90
C ALA A 36 -13.12 23.74 -21.34
N PRO A 37 -12.10 23.51 -22.19
CA PRO A 37 -11.11 24.52 -22.57
C PRO A 37 -11.77 25.84 -22.95
N HIS A 38 -12.95 25.78 -23.55
CA HIS A 38 -13.57 26.96 -24.10
C HIS A 38 -14.71 27.45 -23.21
N SER A 39 -15.24 26.55 -22.40
CA SER A 39 -16.34 26.88 -21.51
C SER A 39 -16.03 28.14 -20.71
N HIS A 40 -17.07 28.92 -20.41
CA HIS A 40 -16.93 30.00 -19.45
C HIS A 40 -17.27 29.50 -18.06
N ILE A 41 -16.33 29.62 -17.15
CA ILE A 41 -16.49 29.03 -15.84
C ILE A 41 -16.48 30.09 -14.77
N THR A 42 -17.42 29.98 -13.83
CA THR A 42 -17.46 30.92 -12.72
C THR A 42 -17.60 30.20 -11.36
N TYR A 43 -16.80 30.65 -10.39
CA TYR A 43 -16.73 30.07 -9.05
C TYR A 43 -17.41 30.94 -8.00
N VAL A 44 -17.97 30.30 -6.99
CA VAL A 44 -18.65 31.02 -5.92
C VAL A 44 -18.21 30.55 -4.52
N ILE A 45 -17.31 31.31 -3.89
CA ILE A 45 -16.87 31.07 -2.50
C ILE A 45 -17.53 32.02 -1.53
N ASP A 46 -17.10 31.91 -0.28
CA ASP A 46 -17.50 32.79 0.79
C ASP A 46 -16.49 33.94 0.93
N GLU A 47 -17.01 35.16 1.07
CA GLU A 47 -16.21 36.39 1.03
C GLU A 47 -14.77 36.25 1.55
N LYS A 48 -14.59 35.62 2.71
CA LYS A 48 -13.28 35.55 3.37
C LYS A 48 -12.20 34.83 2.56
N LEU A 49 -12.53 33.64 2.08
CA LEU A 49 -11.53 32.82 1.42
C LEU A 49 -11.21 33.37 0.03
N GLN A 50 -11.73 34.55 -0.27
CA GLN A 50 -11.69 35.03 -1.65
C GLN A 50 -10.28 35.17 -2.22
N GLN A 51 -9.31 35.57 -1.40
CA GLN A 51 -7.96 35.78 -1.91
C GLN A 51 -7.36 34.47 -2.42
N VAL A 52 -7.95 33.36 -2.02
CA VAL A 52 -7.49 32.04 -2.42
C VAL A 52 -7.71 31.72 -3.90
N MSE A 53 -8.79 32.26 -4.44
CA MSE A 53 -9.16 31.94 -5.82
C MSE A 53 -8.95 33.11 -6.78
O MSE A 53 -8.85 32.90 -7.99
CB MSE A 53 -10.61 31.46 -5.86
CG MSE A 53 -10.89 30.51 -7.01
SE MSE A 53 -10.09 28.77 -6.74
CE MSE A 53 -11.24 28.12 -5.33
N GLU A 54 -8.87 34.33 -6.25
CA GLU A 54 -8.77 35.53 -7.06
C GLU A 54 -8.00 35.26 -8.35
N TYR A 55 -6.69 35.30 -8.24
CA TYR A 55 -5.82 34.92 -9.34
C TYR A 55 -5.83 33.39 -9.37
N ASN A 56 -6.27 32.84 -10.50
CA ASN A 56 -6.37 31.40 -10.69
C ASN A 56 -6.69 31.09 -12.13
N PRO A 57 -5.84 30.30 -12.77
CA PRO A 57 -5.76 30.16 -14.22
C PRO A 57 -7.00 29.50 -14.82
N ASN A 58 -7.67 28.68 -14.02
CA ASN A 58 -8.78 27.88 -14.50
C ASN A 58 -10.14 28.59 -14.52
N ILE A 59 -10.25 29.69 -13.77
CA ILE A 59 -11.52 30.40 -13.66
C ILE A 59 -11.60 31.69 -14.47
N ASP A 60 -12.82 32.07 -14.84
CA ASP A 60 -13.06 33.28 -15.63
C ASP A 60 -13.64 34.34 -14.73
N GLU A 61 -14.35 33.91 -13.71
CA GLU A 61 -15.17 34.79 -12.91
C GLU A 61 -15.40 34.18 -11.55
N LEU A 62 -15.07 34.96 -10.52
CA LEU A 62 -15.19 34.56 -9.13
C LEU A 62 -16.12 35.53 -8.39
N ILE A 63 -17.16 34.99 -7.76
CA ILE A 63 -18.14 35.82 -7.06
C ILE A 63 -18.31 35.32 -5.63
N VAL A 64 -18.19 36.23 -4.65
CA VAL A 64 -18.13 35.84 -3.24
C VAL A 64 -19.45 36.08 -2.51
N VAL A 65 -19.59 35.57 -1.29
CA VAL A 65 -20.79 35.83 -0.48
C VAL A 65 -20.45 36.03 1.00
N ASP A 66 -21.27 36.82 1.72
CA ASP A 66 -21.12 36.96 3.16
C ASP A 66 -22.14 36.16 3.93
N LYS A 67 -22.06 36.18 5.25
CA LYS A 67 -23.04 35.48 6.08
C LYS A 67 -22.88 35.77 7.57
N LYS A 68 -23.95 35.50 8.31
CA LYS A 68 -23.93 35.58 9.76
C LYS A 68 -25.17 34.89 10.30
N GLY A 69 -26.33 35.45 9.98
CA GLY A 69 -27.60 34.87 10.40
C GLY A 69 -28.32 34.27 9.20
N ARG A 70 -29.57 33.89 9.40
CA ARG A 70 -30.36 33.22 8.36
C ARG A 70 -30.84 34.17 7.24
N HIS A 71 -31.59 35.19 7.63
CA HIS A 71 -32.16 36.15 6.69
C HIS A 71 -31.05 36.76 5.84
N ASN A 72 -29.99 37.18 6.53
CA ASN A 72 -28.80 37.76 5.92
C ASN A 72 -28.24 36.85 4.81
N SER A 73 -27.97 35.60 5.16
CA SER A 73 -27.43 34.66 4.20
C SER A 73 -28.31 34.59 2.95
N ILE A 74 -29.56 34.15 3.14
CA ILE A 74 -30.45 33.89 2.00
C ILE A 74 -30.72 35.13 1.15
N SER A 75 -30.87 36.28 1.80
CA SER A 75 -30.96 37.52 1.07
C SER A 75 -29.76 37.66 0.11
N GLY A 76 -28.56 37.35 0.60
CA GLY A 76 -27.33 37.48 -0.17
C GLY A 76 -27.15 36.41 -1.24
N LEU A 77 -27.92 35.33 -1.12
CA LEU A 77 -27.88 34.23 -2.08
C LEU A 77 -28.84 34.49 -3.24
N ASN A 78 -30.08 34.84 -2.94
CA ASN A 78 -31.00 35.32 -3.95
C ASN A 78 -30.30 36.40 -4.74
N GLU A 79 -29.44 37.13 -4.05
CA GLU A 79 -28.67 38.21 -4.66
C GLU A 79 -27.70 37.65 -5.67
N VAL A 80 -26.77 36.82 -5.20
CA VAL A 80 -25.78 36.15 -6.05
C VAL A 80 -26.37 35.51 -7.31
N ALA A 81 -27.47 34.78 -7.14
CA ALA A 81 -28.16 34.20 -8.25
C ALA A 81 -28.55 35.29 -9.26
N ARG A 82 -29.29 36.30 -8.81
CA ARG A 82 -29.57 37.48 -9.64
C ARG A 82 -28.29 37.98 -10.33
N GLU A 83 -27.25 38.24 -9.54
CA GLU A 83 -25.96 38.70 -10.03
C GLU A 83 -25.41 37.81 -11.14
N ILE A 84 -25.43 36.51 -10.91
CA ILE A 84 -24.96 35.53 -11.89
C ILE A 84 -25.75 35.63 -13.19
N ASN A 85 -27.06 35.75 -13.05
CA ASN A 85 -27.98 35.75 -14.19
C ASN A 85 -27.99 37.05 -14.98
N ALA A 86 -27.37 38.07 -14.41
CA ALA A 86 -27.27 39.34 -15.10
C ALA A 86 -26.12 39.25 -16.08
N LYS A 87 -25.21 38.31 -15.84
CA LYS A 87 -24.01 38.16 -16.66
C LYS A 87 -24.18 37.27 -17.91
N GLY A 88 -25.02 36.25 -17.83
CA GLY A 88 -25.20 35.34 -18.96
C GLY A 88 -26.06 34.14 -18.63
N LYS A 89 -26.57 33.48 -19.67
CA LYS A 89 -27.43 32.31 -19.48
C LYS A 89 -26.62 31.05 -19.15
N THR A 90 -26.44 30.83 -17.85
CA THR A 90 -25.74 29.67 -17.32
C THR A 90 -26.31 28.33 -17.82
N ASP A 91 -25.44 27.52 -18.43
CA ASP A 91 -25.87 26.26 -19.05
C ASP A 91 -25.95 25.12 -18.03
N ILE A 92 -24.86 24.96 -17.29
CA ILE A 92 -24.73 23.92 -16.28
C ILE A 92 -24.36 24.50 -14.92
N VAL A 93 -25.07 24.10 -13.89
CA VAL A 93 -24.64 24.35 -12.52
C VAL A 93 -24.21 23.06 -11.79
N ILE A 94 -23.03 23.10 -11.19
CA ILE A 94 -22.47 21.97 -10.45
C ILE A 94 -22.38 22.33 -8.98
N ASN A 95 -23.12 21.63 -8.11
CA ASN A 95 -23.04 21.91 -6.68
C ASN A 95 -22.14 20.90 -5.97
N LEU A 96 -21.10 21.39 -5.30
CA LEU A 96 -20.12 20.55 -4.60
C LEU A 96 -20.35 20.57 -3.11
N HIS A 97 -21.25 21.43 -2.68
CA HIS A 97 -21.52 21.61 -1.28
C HIS A 97 -22.99 21.29 -0.98
N PRO A 98 -23.20 20.07 -0.48
CA PRO A 98 -24.53 19.46 -0.26
C PRO A 98 -25.28 19.85 1.00
N ASN A 99 -24.95 20.98 1.63
CA ASN A 99 -25.83 21.49 2.69
C ASN A 99 -26.99 22.26 2.06
N GLU A 100 -28.07 22.45 2.80
CA GLU A 100 -29.25 23.13 2.27
C GLU A 100 -29.00 24.54 1.74
N ARG A 101 -28.25 25.35 2.47
CA ARG A 101 -27.99 26.70 2.00
C ARG A 101 -27.36 26.75 0.61
N THR A 102 -26.27 26.02 0.40
CA THR A 102 -25.66 26.06 -0.91
C THR A 102 -26.52 25.33 -1.93
N SER A 103 -27.19 24.28 -1.46
CA SER A 103 -28.06 23.54 -2.36
C SER A 103 -29.12 24.52 -2.82
N TYR A 104 -29.70 25.25 -1.89
CA TYR A 104 -30.63 26.29 -2.24
C TYR A 104 -30.08 27.16 -3.36
N LEU A 105 -28.90 27.73 -3.13
CA LEU A 105 -28.30 28.62 -4.11
C LEU A 105 -28.27 28.00 -5.51
N ALA A 106 -27.69 26.80 -5.64
CA ALA A 106 -27.60 26.11 -6.92
C ALA A 106 -28.97 25.97 -7.59
N TRP A 107 -29.99 25.72 -6.78
CA TRP A 107 -31.35 25.66 -7.28
C TRP A 107 -31.78 27.05 -7.73
N LYS A 108 -31.60 28.04 -6.86
CA LYS A 108 -32.06 29.39 -7.15
C LYS A 108 -31.50 29.96 -8.44
N ILE A 109 -30.27 29.59 -8.79
CA ILE A 109 -29.71 29.99 -10.07
C ILE A 109 -30.60 29.52 -11.23
N HIS A 110 -31.17 28.32 -11.10
CA HIS A 110 -32.16 27.83 -12.05
C HIS A 110 -31.62 27.61 -13.44
N ALA A 111 -30.50 26.90 -13.55
CA ALA A 111 -29.94 26.62 -14.86
C ALA A 111 -30.61 25.40 -15.49
N PRO A 112 -30.66 25.39 -16.83
CA PRO A 112 -31.22 24.30 -17.62
C PRO A 112 -30.87 22.96 -17.02
N ILE A 113 -29.67 22.86 -16.47
CA ILE A 113 -29.26 21.62 -15.87
C ILE A 113 -28.38 21.84 -14.64
N THR A 114 -28.86 21.31 -13.51
CA THR A 114 -28.10 21.30 -12.26
C THR A 114 -27.60 19.90 -11.98
N THR A 115 -26.34 19.83 -11.54
CA THR A 115 -25.75 18.56 -11.17
C THR A 115 -24.80 18.74 -9.96
N GLY A 116 -23.95 17.74 -9.73
CA GLY A 116 -23.19 17.70 -8.49
C GLY A 116 -24.05 17.06 -7.42
N MSE A 117 -23.75 17.37 -6.18
CA MSE A 117 -24.47 16.75 -5.08
C MSE A 117 -25.12 17.84 -4.26
O MSE A 117 -24.48 18.84 -3.96
CB MSE A 117 -23.50 15.95 -4.20
CG MSE A 117 -24.23 15.05 -3.24
SE MSE A 117 -23.15 14.40 -1.78
CE MSE A 117 -24.58 13.54 -0.80
N SER A 118 -26.38 17.65 -3.92
CA SER A 118 -27.11 18.62 -3.13
C SER A 118 -27.92 17.95 -2.03
N HIS A 119 -28.35 18.75 -1.07
CA HIS A 119 -29.20 18.27 0.01
C HIS A 119 -30.43 17.59 -0.60
N PHE A 120 -30.90 16.53 0.06
CA PHE A 120 -31.98 15.71 -0.50
C PHE A 120 -33.27 16.50 -0.66
N LEU A 121 -33.34 17.64 0.03
CA LEU A 121 -34.50 18.49 -0.11
C LEU A 121 -34.57 19.16 -1.48
N PHE A 122 -33.43 19.39 -2.12
CA PHE A 122 -33.39 19.90 -3.49
C PHE A 122 -33.15 18.84 -4.56
N ARG A 123 -32.90 17.60 -4.13
CA ARG A 123 -32.55 16.53 -5.05
C ARG A 123 -33.47 16.53 -6.24
N PRO A 124 -34.78 16.46 -6.00
CA PRO A 124 -35.83 16.32 -7.03
C PRO A 124 -35.62 17.17 -8.28
N PHE A 125 -35.26 18.43 -8.11
CA PHE A 125 -35.15 19.39 -9.20
C PHE A 125 -33.87 19.29 -10.02
N MSE A 126 -32.98 18.38 -9.66
CA MSE A 126 -31.72 18.27 -10.38
C MSE A 126 -31.82 17.49 -11.69
O MSE A 126 -32.82 16.82 -11.96
CB MSE A 126 -30.71 17.63 -9.47
CG MSE A 126 -30.32 18.51 -8.34
SE MSE A 126 -28.68 17.79 -7.60
CE MSE A 126 -29.48 16.34 -6.59
N THR A 127 -30.79 17.58 -12.50
CA THR A 127 -30.76 16.85 -13.77
C THR A 127 -30.09 15.51 -13.53
N LYS A 128 -28.91 15.56 -12.92
CA LYS A 128 -28.14 14.38 -12.56
C LYS A 128 -27.53 14.57 -11.18
N TYR A 129 -27.97 13.78 -10.23
CA TYR A 129 -27.44 13.83 -8.88
C TYR A 129 -26.22 12.95 -8.74
N THR A 130 -25.04 13.53 -8.87
CA THR A 130 -23.81 12.77 -8.66
C THR A 130 -23.39 12.79 -7.19
N ARG A 131 -23.54 11.66 -6.51
CA ARG A 131 -23.13 11.55 -5.10
C ARG A 131 -21.61 11.50 -4.91
N LEU A 132 -21.14 12.12 -3.82
CA LEU A 132 -19.71 12.21 -3.49
C LEU A 132 -19.20 10.98 -2.74
N ASP A 133 -18.04 10.46 -3.16
CA ASP A 133 -17.44 9.30 -2.50
C ASP A 133 -16.70 9.61 -1.18
N ARG A 134 -17.41 9.47 -0.06
CA ARG A 134 -16.85 9.72 1.27
C ARG A 134 -16.04 8.54 1.86
N LYS A 135 -16.04 7.40 1.17
CA LYS A 135 -15.49 6.18 1.72
C LYS A 135 -14.22 5.69 1.03
N THR A 136 -13.98 6.11 -0.20
CA THR A 136 -12.96 5.47 -1.00
C THR A 136 -11.96 6.41 -1.68
N ARG A 137 -12.24 7.70 -1.60
CA ARG A 137 -11.30 8.65 -2.17
C ARG A 137 -10.76 9.64 -1.14
N HIS A 138 -9.57 10.17 -1.42
CA HIS A 138 -9.10 11.38 -0.78
C HIS A 138 -10.07 12.49 -1.18
N ALA A 139 -10.22 13.52 -0.36
CA ALA A 139 -11.22 14.57 -0.64
C ALA A 139 -11.09 15.25 -2.01
N ALA A 140 -9.86 15.40 -2.50
CA ALA A 140 -9.65 16.08 -3.76
C ALA A 140 -10.01 15.19 -4.94
N ASP A 141 -9.74 13.90 -4.79
CA ASP A 141 -10.10 12.93 -5.81
C ASP A 141 -11.61 12.75 -5.86
N MSE A 142 -12.25 12.87 -4.71
CA MSE A 142 -13.70 12.68 -4.67
C MSE A 142 -14.45 13.82 -5.36
O MSE A 142 -15.52 13.61 -5.95
CB MSE A 142 -14.19 12.44 -3.23
CG MSE A 142 -14.73 13.67 -2.51
SE MSE A 142 -15.77 13.17 -0.92
CE MSE A 142 -15.82 14.90 -0.07
N TYR A 143 -13.87 15.02 -5.31
CA TYR A 143 -14.46 16.13 -6.03
C TYR A 143 -14.39 15.82 -7.52
N ILE A 144 -13.20 15.42 -7.97
CA ILE A 144 -12.99 14.98 -9.35
C ILE A 144 -13.93 13.82 -9.78
N ASN A 145 -14.25 12.90 -8.86
CA ASN A 145 -15.17 11.83 -9.22
C ASN A 145 -16.48 12.38 -9.78
N VAL A 146 -16.91 13.54 -9.28
CA VAL A 146 -18.13 14.17 -9.82
C VAL A 146 -17.99 14.31 -11.33
N LEU A 147 -16.84 14.85 -11.73
CA LEU A 147 -16.49 14.97 -13.15
C LEU A 147 -16.46 13.61 -13.87
N GLU A 148 -15.95 12.58 -13.21
CA GLU A 148 -15.93 11.25 -13.78
C GLU A 148 -17.33 10.67 -13.88
N GLN A 149 -18.17 10.92 -12.88
CA GLN A 149 -19.57 10.52 -12.95
C GLN A 149 -20.26 11.21 -14.13
N LEU A 150 -19.74 12.37 -14.50
CA LEU A 150 -20.22 13.08 -15.69
C LEU A 150 -19.53 12.63 -16.99
N GLY A 151 -18.58 11.72 -16.87
CA GLY A 151 -17.97 11.14 -18.07
C GLY A 151 -16.56 11.63 -18.37
N VAL A 152 -15.97 12.39 -17.47
CA VAL A 152 -14.60 12.81 -17.68
C VAL A 152 -13.65 11.62 -17.56
N THR A 153 -12.49 11.72 -18.22
CA THR A 153 -11.60 10.59 -18.36
C THR A 153 -10.18 10.98 -18.01
N ASP A 154 -9.74 12.09 -18.58
CA ASP A 154 -8.44 12.67 -18.27
C ASP A 154 -8.52 13.41 -16.91
N THR A 155 -7.95 12.81 -15.87
CA THR A 155 -8.09 13.38 -14.54
C THR A 155 -6.73 13.76 -13.95
N SER A 156 -5.67 13.47 -14.69
CA SER A 156 -4.31 13.73 -14.26
C SER A 156 -4.07 15.18 -13.92
N ASN A 157 -4.26 15.56 -12.67
CA ASN A 157 -4.02 16.94 -12.27
C ASN A 157 -2.67 17.12 -11.60
N SER A 158 -2.30 18.36 -11.31
CA SER A 158 -1.00 18.68 -10.71
C SER A 158 -1.08 19.26 -9.29
N GLY A 159 -1.96 18.71 -8.48
CA GLY A 159 -1.97 19.03 -7.06
C GLY A 159 -2.73 20.29 -6.78
N LEU A 160 -2.76 20.65 -5.50
CA LEU A 160 -3.34 21.91 -5.05
C LEU A 160 -2.51 23.10 -5.51
N HIS A 161 -3.19 24.23 -5.68
CA HIS A 161 -2.58 25.40 -6.27
C HIS A 161 -3.24 26.67 -5.75
N ILE A 162 -2.44 27.65 -5.39
CA ILE A 162 -2.96 28.98 -5.17
C ILE A 162 -2.04 29.94 -5.86
N GLU A 163 -2.61 30.74 -6.76
CA GLU A 163 -1.83 31.64 -7.57
C GLU A 163 -1.66 32.90 -6.77
N ILE A 164 -0.42 33.29 -6.51
CA ILE A 164 -0.15 34.50 -5.73
C ILE A 164 0.34 35.59 -6.66
N CYS A 165 -0.02 36.83 -6.38
CA CYS A 165 0.36 37.92 -7.26
C CYS A 165 1.54 38.72 -6.74
N GLU A 166 1.97 39.67 -7.54
CA GLU A 166 3.12 40.50 -7.21
C GLU A 166 3.03 41.14 -5.83
N GLU A 167 1.97 41.90 -5.62
CA GLU A 167 1.80 42.67 -4.40
C GLU A 167 2.02 41.81 -3.15
N TRP A 168 1.72 40.52 -3.26
CA TRP A 168 1.86 39.61 -2.13
C TRP A 168 3.30 39.16 -1.95
N ARG A 169 3.97 38.85 -3.05
CA ARG A 169 5.39 38.55 -3.00
C ARG A 169 6.12 39.63 -2.22
N CYS A 170 5.69 40.88 -2.39
CA CYS A 170 6.31 42.02 -1.74
C CYS A 170 5.97 42.13 -0.25
N GLN A 171 4.68 42.11 0.08
CA GLN A 171 4.31 42.12 1.49
C GLN A 171 5.17 41.13 2.23
N ALA A 172 5.43 39.99 1.61
CA ALA A 172 6.20 38.93 2.25
C ALA A 172 7.70 39.20 2.16
N GLN A 173 8.16 39.70 1.03
CA GLN A 173 9.58 39.98 0.90
C GLN A 173 10.05 41.00 1.94
N GLU A 174 9.31 42.09 2.08
CA GLU A 174 9.69 43.07 3.08
C GLU A 174 9.68 42.41 4.45
N PHE A 175 8.51 42.01 4.91
CA PHE A 175 8.39 41.33 6.21
C PHE A 175 9.58 40.44 6.51
N TYR A 176 9.93 39.58 5.57
CA TYR A 176 11.02 38.64 5.77
C TYR A 176 12.35 39.35 5.84
N SER A 177 12.58 40.21 4.85
CA SER A 177 13.79 41.03 4.79
C SER A 177 13.90 41.89 6.07
N SER A 178 12.76 42.47 6.46
CA SER A 178 12.58 43.10 7.75
C SER A 178 13.33 42.31 8.80
N HIS A 179 12.96 41.04 8.94
CA HIS A 179 13.57 40.15 9.92
C HIS A 179 14.90 39.62 9.48
N GLY A 180 15.58 40.35 8.61
CA GLY A 180 16.92 39.99 8.17
C GLY A 180 17.10 38.56 7.68
N LEU A 181 16.03 37.98 7.15
CA LEU A 181 16.13 36.71 6.44
C LEU A 181 16.82 36.99 5.12
N THR A 182 17.87 36.25 4.82
CA THR A 182 18.60 36.46 3.57
C THR A 182 18.07 35.54 2.49
N ASP A 183 18.39 35.88 1.24
CA ASP A 183 17.83 35.18 0.10
C ASP A 183 18.33 33.76 0.04
N THR A 184 19.35 33.47 0.84
CA THR A 184 20.01 32.18 0.78
C THR A 184 19.77 31.31 2.02
N ASP A 185 19.11 31.87 3.04
CA ASP A 185 18.80 31.11 4.25
C ASP A 185 17.82 29.97 4.00
N ILE A 186 17.96 28.90 4.77
CA ILE A 186 17.01 27.79 4.76
C ILE A 186 15.95 28.00 5.83
N LEU A 187 14.77 28.42 5.40
CA LEU A 187 13.68 28.70 6.31
C LEU A 187 12.83 27.47 6.56
N ILE A 188 12.68 27.08 7.83
CA ILE A 188 11.71 26.05 8.18
C ILE A 188 10.61 26.65 9.05
N GLY A 189 9.36 26.50 8.61
CA GLY A 189 8.24 27.14 9.26
C GLY A 189 7.31 26.19 10.00
N PHE A 190 6.62 26.74 10.99
CA PHE A 190 5.70 25.99 11.84
C PHE A 190 4.32 26.60 11.82
N ASN A 191 3.33 25.75 11.63
CA ASN A 191 1.94 26.12 11.83
C ASN A 191 1.41 25.15 12.86
N ILE A 192 1.43 25.57 14.12
CA ILE A 192 0.89 24.79 15.22
C ILE A 192 -0.54 25.29 15.53
N GLY A 193 -1.22 24.61 16.44
CA GLY A 193 -2.46 25.15 16.95
C GLY A 193 -3.72 24.95 16.11
N SER A 194 -4.77 24.58 16.82
CA SER A 194 -6.04 24.20 16.22
C SER A 194 -7.11 24.44 17.25
N ALA A 195 -8.35 24.63 16.81
CA ALA A 195 -9.46 24.75 17.75
C ALA A 195 -9.59 23.45 18.56
N VAL A 196 -9.12 22.35 17.99
CA VAL A 196 -9.20 21.05 18.65
C VAL A 196 -7.96 20.75 19.46
N PRO A 197 -8.14 20.51 20.77
CA PRO A 197 -7.09 20.17 21.75
C PRO A 197 -6.20 18.97 21.37
N GLU A 198 -6.80 17.88 20.89
CA GLU A 198 -6.02 16.69 20.56
C GLU A 198 -5.26 16.89 19.26
N LYS A 199 -5.26 18.13 18.77
CA LYS A 199 -4.52 18.50 17.56
C LYS A 199 -3.32 19.38 17.88
N ARG A 200 -3.00 19.48 19.17
CA ARG A 200 -1.96 20.37 19.65
C ARG A 200 -0.77 19.61 20.22
N TRP A 201 0.39 19.83 19.64
CA TRP A 201 1.60 19.23 20.18
C TRP A 201 1.99 20.04 21.40
N PRO A 202 2.44 19.35 22.45
CA PRO A 202 2.97 20.07 23.59
C PRO A 202 3.82 21.26 23.16
N ALA A 203 3.62 22.40 23.83
CA ALA A 203 4.24 23.65 23.41
C ALA A 203 5.75 23.54 23.44
N GLU A 204 6.27 22.92 24.49
CA GLU A 204 7.71 22.81 24.70
C GLU A 204 8.39 21.96 23.65
N ARG A 205 7.68 20.97 23.11
CA ARG A 205 8.26 20.15 22.04
C ARG A 205 8.52 20.98 20.80
N PHE A 206 7.57 21.83 20.44
CA PHE A 206 7.76 22.68 19.29
C PHE A 206 8.95 23.57 19.56
N ALA A 207 8.98 24.12 20.78
CA ALA A 207 10.05 25.00 21.18
C ALA A 207 11.42 24.33 21.04
N HIS A 208 11.54 23.11 21.57
CA HIS A 208 12.77 22.32 21.45
C HIS A 208 13.18 22.06 19.99
N VAL A 209 12.20 21.66 19.19
CA VAL A 209 12.41 21.40 17.77
C VAL A 209 12.92 22.61 17.00
N ALA A 210 12.16 23.71 17.06
CA ALA A 210 12.56 24.95 16.41
C ALA A 210 13.99 25.38 16.80
N ASP A 211 14.25 25.38 18.12
CA ASP A 211 15.57 25.62 18.69
C ASP A 211 16.64 24.71 18.11
N TYR A 212 16.33 23.40 18.03
CA TYR A 212 17.18 22.43 17.35
C TYR A 212 17.73 22.97 16.03
N PHE A 213 16.84 23.33 15.12
CA PHE A 213 17.26 23.86 13.82
C PHE A 213 17.96 25.22 13.90
N GLY A 214 17.31 26.17 14.54
CA GLY A 214 17.91 27.48 14.74
C GLY A 214 19.31 27.37 15.29
N ARG A 215 19.52 26.44 16.22
CA ARG A 215 20.87 26.25 16.76
C ARG A 215 21.79 25.71 15.66
N LEU A 216 21.20 25.04 14.66
CA LEU A 216 21.95 24.44 13.56
C LEU A 216 22.24 25.38 12.36
N GLY A 217 21.56 26.51 12.27
CA GLY A 217 21.84 27.45 11.20
C GLY A 217 20.59 27.79 10.42
N TYR A 218 19.49 27.14 10.78
CA TYR A 218 18.24 27.36 10.09
C TYR A 218 17.53 28.60 10.66
N LYS A 219 16.63 29.16 9.87
CA LYS A 219 15.71 30.19 10.34
C LYS A 219 14.30 29.61 10.44
N THR A 220 13.51 30.13 11.38
CA THR A 220 12.24 29.52 11.76
C THR A 220 11.10 30.54 11.89
N VAL A 221 10.02 30.34 11.16
CA VAL A 221 8.84 31.21 11.23
C VAL A 221 7.71 30.52 11.96
N PHE A 222 6.79 31.31 12.50
CA PHE A 222 5.57 30.78 13.09
C PHE A 222 4.35 31.47 12.49
N PHE A 223 3.38 30.67 12.05
CA PHE A 223 2.23 31.21 11.35
C PHE A 223 1.02 31.22 12.27
N GLY A 224 -0.17 31.41 11.70
CA GLY A 224 -1.38 31.49 12.50
C GLY A 224 -2.17 32.78 12.35
N GLY A 225 -3.37 32.77 12.93
CA GLY A 225 -4.17 33.97 13.01
C GLY A 225 -4.21 34.51 14.44
N PRO A 226 -5.04 35.51 14.67
CA PRO A 226 -5.12 36.20 15.97
C PRO A 226 -5.49 35.23 17.11
N MSE A 227 -6.15 34.14 16.74
CA MSE A 227 -6.56 33.14 17.71
C MSE A 227 -5.43 32.17 18.05
O MSE A 227 -5.48 31.49 19.09
CB MSE A 227 -7.78 32.39 17.20
CG MSE A 227 -7.90 32.35 15.68
SE MSE A 227 -6.58 31.26 14.73
CE MSE A 227 -6.93 31.89 12.92
N ASP A 228 -4.41 32.09 17.19
CA ASP A 228 -3.28 31.19 17.42
C ASP A 228 -2.21 31.78 18.31
N LEU A 229 -2.31 33.09 18.56
CA LEU A 229 -1.30 33.84 19.29
C LEU A 229 -1.06 33.27 20.70
N GLU A 230 -2.13 32.83 21.34
CA GLU A 230 -2.07 32.30 22.69
C GLU A 230 -1.40 30.94 22.70
N MSE A 231 -1.47 30.26 21.56
CA MSE A 231 -0.88 28.93 21.41
C MSE A 231 0.58 29.00 20.97
O MSE A 231 1.33 28.05 21.13
CB MSE A 231 -1.69 28.09 20.43
CG MSE A 231 -3.12 27.88 20.89
SE MSE A 231 -4.12 26.56 19.88
CE MSE A 231 -5.08 27.71 18.62
N VAL A 232 0.99 30.15 20.41
CA VAL A 232 2.35 30.34 19.96
C VAL A 232 3.23 30.98 21.04
N GLN A 233 2.66 31.94 21.78
CA GLN A 233 3.41 32.59 22.83
C GLN A 233 4.17 31.58 23.69
N PRO A 234 3.49 30.53 24.17
CA PRO A 234 4.20 29.70 25.13
C PRO A 234 5.36 28.92 24.47
N VAL A 235 5.31 28.76 23.15
CA VAL A 235 6.45 28.22 22.46
C VAL A 235 7.56 29.26 22.47
N VAL A 236 7.35 30.33 21.71
CA VAL A 236 8.37 31.36 21.50
C VAL A 236 8.93 31.93 22.79
N GLU A 237 8.19 31.78 23.88
CA GLU A 237 8.60 32.23 25.20
C GLU A 237 9.84 31.49 25.68
N GLN A 238 9.90 30.19 25.42
CA GLN A 238 10.95 29.32 25.96
C GLN A 238 12.00 28.88 24.94
N MSE A 239 12.04 29.54 23.80
CA MSE A 239 13.10 29.28 22.84
C MSE A 239 14.34 30.12 23.12
O MSE A 239 14.25 31.33 23.39
CB MSE A 239 12.59 29.53 21.43
CG MSE A 239 11.48 28.61 21.00
SE MSE A 239 10.88 29.11 19.23
CE MSE A 239 12.62 29.36 18.37
N GLU A 240 15.51 29.50 23.05
CA GLU A 240 16.77 30.19 23.23
C GLU A 240 17.28 30.80 21.92
N THR A 241 16.57 30.53 20.83
CA THR A 241 16.92 31.13 19.52
C THR A 241 15.81 32.06 19.08
N LYS A 242 16.08 32.89 18.07
CA LYS A 242 15.12 33.92 17.68
C LYS A 242 14.28 33.43 16.52
N PRO A 243 13.01 33.16 16.81
CA PRO A 243 12.01 32.81 15.80
C PRO A 243 11.50 34.07 15.07
N ILE A 244 10.90 33.89 13.90
CA ILE A 244 10.15 34.96 13.29
C ILE A 244 8.71 34.69 13.63
N VAL A 245 7.94 35.75 13.92
CA VAL A 245 6.53 35.58 14.22
C VAL A 245 5.63 36.16 13.12
N ALA A 246 4.93 35.28 12.39
CA ALA A 246 4.04 35.70 11.31
C ALA A 246 2.58 35.47 11.65
N THR A 247 2.33 35.08 12.90
CA THR A 247 0.99 34.86 13.40
C THR A 247 0.13 36.10 13.23
N GLY A 248 -1.16 35.91 13.00
CA GLY A 248 -2.05 37.02 12.76
C GLY A 248 -1.44 38.20 12.01
N LYS A 249 -0.35 37.96 11.29
CA LYS A 249 0.36 39.02 10.60
C LYS A 249 0.14 38.97 9.10
N PHE A 250 -0.71 38.06 8.61
CA PHE A 250 -0.98 37.95 7.16
C PHE A 250 -2.41 37.60 6.81
N GLN A 251 -2.85 38.12 5.68
CA GLN A 251 -4.09 37.69 5.07
C GLN A 251 -3.76 36.49 4.19
N LEU A 252 -4.77 35.82 3.64
CA LEU A 252 -4.51 34.54 2.96
C LEU A 252 -3.60 34.63 1.75
N GLY A 253 -3.89 35.56 0.83
CA GLY A 253 -3.01 35.79 -0.30
C GLY A 253 -1.56 35.99 0.13
N PRO A 254 -1.33 36.99 1.00
CA PRO A 254 0.00 37.20 1.58
C PRO A 254 0.53 35.94 2.25
N LEU A 255 -0.36 35.21 2.93
CA LEU A 255 0.09 34.04 3.70
C LEU A 255 0.79 33.00 2.83
N ALA A 256 0.17 32.66 1.71
CA ALA A 256 0.79 31.77 0.74
C ALA A 256 2.16 32.31 0.34
N ALA A 257 2.23 33.60 0.04
CA ALA A 257 3.46 34.20 -0.45
C ALA A 257 4.54 34.11 0.61
N ALA A 258 4.12 34.25 1.86
CA ALA A 258 4.99 34.04 3.02
C ALA A 258 5.39 32.57 3.18
N MSE A 259 4.45 31.66 2.94
CA MSE A 259 4.69 30.23 3.09
C MSE A 259 5.48 29.66 1.93
O MSE A 259 6.29 28.75 2.09
CB MSE A 259 3.37 29.47 3.23
CG MSE A 259 3.18 28.82 4.59
SE MSE A 259 1.29 28.51 4.94
CE MSE A 259 1.37 27.71 6.70
N ASN A 260 5.23 30.20 0.75
CA ASN A 260 6.00 29.83 -0.43
C ASN A 260 7.50 29.86 -0.13
N ARG A 261 7.91 30.83 0.69
CA ARG A 261 9.32 31.06 0.99
C ARG A 261 9.90 29.96 1.88
N CYS A 262 9.04 29.11 2.41
CA CYS A 262 9.51 28.07 3.32
C CYS A 262 10.10 26.87 2.61
N ASN A 263 11.30 26.48 3.04
CA ASN A 263 11.94 25.23 2.64
C ASN A 263 11.28 24.02 3.32
N LEU A 264 10.47 24.28 4.34
CA LEU A 264 9.77 23.23 5.06
C LEU A 264 8.67 23.76 6.00
N LEU A 265 7.66 22.93 6.21
CA LEU A 265 6.58 23.26 7.11
C LEU A 265 6.21 22.06 8.00
N ILE A 266 6.31 22.26 9.31
CA ILE A 266 5.86 21.28 10.28
C ILE A 266 4.50 21.73 10.78
N THR A 267 3.53 20.83 10.88
CA THR A 267 2.16 21.29 11.10
C THR A 267 1.18 20.20 11.52
N ASN A 268 0.07 20.62 12.11
CA ASN A 268 -1.05 19.73 12.41
C ASN A 268 -2.07 19.69 11.25
N ASP A 269 -3.07 18.81 11.34
CA ASP A 269 -4.09 18.81 10.29
C ASP A 269 -4.93 20.04 10.46
N SER A 270 -4.67 21.03 9.60
CA SER A 270 -5.41 22.28 9.58
C SER A 270 -5.20 22.95 8.22
N GLY A 271 -6.17 23.75 7.80
CA GLY A 271 -6.18 24.38 6.50
C GLY A 271 -4.85 24.94 6.00
N PRO A 272 -4.12 25.63 6.88
CA PRO A 272 -2.81 26.17 6.48
C PRO A 272 -1.87 25.09 5.93
N MSE A 273 -2.07 23.84 6.31
CA MSE A 273 -1.27 22.74 5.77
C MSE A 273 -1.48 22.59 4.27
O MSE A 273 -0.53 22.39 3.50
CB MSE A 273 -1.60 21.44 6.48
CG MSE A 273 -0.72 20.26 6.07
SE MSE A 273 -1.49 18.55 6.58
CE MSE A 273 -3.04 18.49 5.40
N HIS A 274 -2.73 22.70 3.82
CA HIS A 274 -3.01 22.68 2.39
C HIS A 274 -2.45 23.91 1.65
N VAL A 275 -2.55 25.08 2.28
CA VAL A 275 -1.92 26.29 1.75
C VAL A 275 -0.44 26.04 1.50
N GLY A 276 0.22 25.42 2.47
CA GLY A 276 1.62 25.08 2.31
C GLY A 276 1.81 24.25 1.06
N ILE A 277 1.16 23.09 1.03
CA ILE A 277 1.26 22.15 -0.08
C ILE A 277 1.03 22.83 -1.42
N SER A 278 0.06 23.74 -1.45
CA SER A 278 -0.32 24.44 -2.67
C SER A 278 0.76 25.42 -3.13
N GLN A 279 1.89 25.42 -2.44
CA GLN A 279 3.01 26.28 -2.80
C GLN A 279 4.28 25.45 -2.89
N GLY A 280 4.12 24.14 -2.92
CA GLY A 280 5.23 23.23 -3.15
C GLY A 280 6.08 22.95 -1.92
N VAL A 281 5.62 23.39 -0.75
CA VAL A 281 6.38 23.25 0.47
C VAL A 281 6.30 21.82 1.02
N PRO A 282 7.46 21.18 1.21
CA PRO A 282 7.55 19.85 1.84
C PRO A 282 6.95 19.86 3.23
N ILE A 283 6.16 18.84 3.54
CA ILE A 283 5.35 18.86 4.74
C ILE A 283 5.73 17.78 5.75
N VAL A 284 5.92 18.16 6.99
CA VAL A 284 5.91 17.19 8.07
C VAL A 284 4.59 17.42 8.78
N ALA A 285 3.73 16.42 8.77
CA ALA A 285 2.36 16.61 9.25
C ALA A 285 2.06 15.71 10.44
N LEU A 286 1.53 16.29 11.51
CA LEU A 286 1.28 15.54 12.72
C LEU A 286 -0.17 15.13 12.86
N TYR A 287 -0.48 13.91 12.43
CA TYR A 287 -1.78 13.30 12.70
C TYR A 287 -1.61 12.43 13.92
N GLY A 288 -2.59 12.43 14.82
CA GLY A 288 -2.43 11.61 16.00
C GLY A 288 -2.80 10.18 15.67
N PRO A 289 -3.89 9.72 16.28
CA PRO A 289 -4.69 8.55 15.93
C PRO A 289 -5.70 8.92 14.85
N SER A 290 -5.36 9.90 14.03
CA SER A 290 -6.29 10.40 13.02
C SER A 290 -5.82 9.99 11.63
N ASN A 291 -6.76 9.55 10.80
CA ASN A 291 -6.41 8.92 9.54
C ASN A 291 -6.27 9.87 8.34
N PRO A 292 -5.04 10.00 7.83
CA PRO A 292 -4.74 11.02 6.82
C PRO A 292 -5.33 10.71 5.47
N PHE A 293 -5.92 9.54 5.31
CA PHE A 293 -6.32 9.13 3.99
C PHE A 293 -7.14 10.19 3.28
N PHE A 294 -8.20 10.64 3.95
CA PHE A 294 -9.19 11.49 3.30
C PHE A 294 -8.76 12.94 3.14
N TYR A 295 -8.32 13.56 4.23
CA TYR A 295 -7.93 14.97 4.14
C TYR A 295 -6.43 15.22 4.40
N GLY A 296 -5.58 14.28 4.02
CA GLY A 296 -4.16 14.47 4.19
C GLY A 296 -3.55 15.27 3.05
N PRO A 297 -2.20 15.24 2.98
CA PRO A 297 -1.34 15.87 1.97
C PRO A 297 -1.53 15.30 0.56
N TYR A 298 -2.44 15.91 -0.19
CA TYR A 298 -2.74 15.43 -1.52
C TYR A 298 -1.64 15.71 -2.52
N GLN A 299 -1.14 14.66 -3.17
CA GLN A 299 -0.18 14.82 -4.25
C GLN A 299 1.02 15.64 -3.75
N ALA A 300 1.47 15.36 -2.53
CA ALA A 300 2.48 16.19 -1.90
C ALA A 300 3.76 15.43 -1.52
N HIS A 301 4.87 16.16 -1.47
CA HIS A 301 6.08 15.61 -0.89
C HIS A 301 6.00 15.81 0.62
N ALA A 302 5.41 14.84 1.31
CA ALA A 302 5.24 14.95 2.75
C ALA A 302 5.59 13.68 3.51
N ILE A 303 5.36 13.71 4.81
CA ILE A 303 5.57 12.57 5.69
C ILE A 303 4.59 12.81 6.82
N VAL A 304 3.67 11.89 6.98
CA VAL A 304 2.64 11.98 7.98
C VAL A 304 3.02 11.11 9.17
N LEU A 305 3.12 11.71 10.35
CA LEU A 305 3.49 10.97 11.55
C LEU A 305 2.23 10.61 12.29
N GLU A 306 1.88 9.33 12.31
CA GLU A 306 0.75 8.87 13.10
C GLU A 306 1.15 7.88 14.20
N THR A 307 0.18 7.54 15.04
CA THR A 307 0.40 6.67 16.19
C THR A 307 1.19 5.37 15.92
N MSE A 308 0.78 4.55 14.95
CA MSE A 308 1.53 3.33 14.60
C MSE A 308 3.03 3.60 14.45
O MSE A 308 3.86 2.91 15.05
CB MSE A 308 1.02 2.68 13.31
CG MSE A 308 0.14 1.44 13.47
SE MSE A 308 0.60 0.13 14.86
CE MSE A 308 2.50 0.35 14.80
N ASP A 309 3.37 4.58 13.62
CA ASP A 309 4.78 4.88 13.38
C ASP A 309 5.47 5.13 14.70
N SER A 310 4.76 5.80 15.60
CA SER A 310 5.28 6.07 16.91
C SER A 310 5.46 4.79 17.69
N TYR A 311 4.47 3.91 17.63
CA TYR A 311 4.60 2.62 18.31
C TYR A 311 5.69 1.74 17.70
N GLU A 312 5.78 1.73 16.38
CA GLU A 312 6.78 0.89 15.75
C GLU A 312 8.19 1.38 15.98
N ILE A 313 8.52 2.64 15.68
CA ILE A 313 9.89 3.12 16.00
C ILE A 313 10.14 3.07 17.51
N GLY A 314 9.04 3.00 18.26
CA GLY A 314 9.10 2.74 19.68
C GLY A 314 9.80 1.42 19.91
N LYS A 315 9.13 0.33 19.56
CA LYS A 315 9.75 -1.00 19.59
C LYS A 315 11.09 -0.98 18.88
N SER A 316 11.09 -0.52 17.63
CA SER A 316 12.30 -0.50 16.81
C SER A 316 13.55 -0.27 17.65
N MSE A 317 13.64 0.89 18.29
CA MSE A 317 14.80 1.18 19.12
C MSE A 317 14.58 0.93 20.63
O MSE A 317 15.28 1.50 21.47
CB MSE A 317 15.31 2.59 18.86
CG MSE A 317 14.28 3.66 19.05
SE MSE A 317 15.01 5.35 18.45
CE MSE A 317 15.76 4.73 16.73
N LYS A 318 13.62 0.08 20.96
CA LYS A 318 13.42 -0.37 22.34
C LYS A 318 12.99 0.71 23.35
N LYS A 319 12.86 1.95 22.88
CA LYS A 319 12.27 3.04 23.67
C LYS A 319 10.79 2.75 23.91
N ILE A 320 10.31 2.96 25.14
CA ILE A 320 8.90 2.77 25.39
C ILE A 320 8.20 4.13 25.50
N ILE A 321 7.04 4.26 24.86
CA ILE A 321 6.22 5.46 25.02
C ILE A 321 5.66 5.52 26.44
N LYS A 322 5.84 6.66 27.09
CA LYS A 322 5.44 6.84 28.48
C LYS A 322 3.93 7.03 28.60
N GLU A 323 3.33 6.52 29.65
CA GLU A 323 1.90 6.68 29.87
C GLU A 323 1.43 8.15 29.86
N GLY A 324 2.34 9.04 30.22
CA GLY A 324 2.03 10.44 30.22
C GLY A 324 1.89 10.99 28.81
N ASN A 325 2.53 10.36 27.83
CA ASN A 325 2.37 10.79 26.45
C ASN A 325 1.34 10.02 25.67
N TYR A 326 0.53 9.22 26.36
CA TYR A 326 -0.43 8.35 25.67
C TYR A 326 -1.42 9.16 24.80
N LYS A 327 -2.17 10.06 25.42
CA LYS A 327 -3.17 10.90 24.76
C LYS A 327 -2.70 11.68 23.53
N GLY A 328 -3.46 11.59 22.45
CA GLY A 328 -3.37 12.50 21.33
C GLY A 328 -2.14 12.54 20.45
N LEU A 329 -1.53 13.71 20.28
CA LEU A 329 -0.34 13.87 19.45
C LEU A 329 0.89 13.69 20.30
N SER A 330 0.67 13.45 21.59
CA SER A 330 1.77 13.39 22.54
C SER A 330 2.58 12.13 22.36
N VAL A 331 2.11 11.24 21.50
CA VAL A 331 2.90 10.04 21.20
C VAL A 331 4.00 10.34 20.18
N ILE A 332 4.00 11.55 19.62
CA ILE A 332 5.04 11.91 18.66
C ILE A 332 6.23 12.60 19.32
N SER A 333 7.43 12.24 18.85
CA SER A 333 8.68 12.63 19.49
C SER A 333 9.35 13.80 18.79
N GLU A 334 9.98 14.66 19.57
CA GLU A 334 10.92 15.60 19.01
C GLU A 334 11.81 14.87 17.97
N GLU A 335 12.39 13.73 18.38
CA GLU A 335 13.24 12.96 17.47
C GLU A 335 12.47 12.49 16.21
N GLN A 336 11.26 11.98 16.38
CA GLN A 336 10.45 11.70 15.19
C GLN A 336 10.34 12.93 14.27
N VAL A 337 9.92 14.06 14.82
CA VAL A 337 9.75 15.26 14.01
C VAL A 337 11.07 15.65 13.35
N ILE A 338 12.09 15.85 14.19
CA ILE A 338 13.43 16.16 13.71
C ILE A 338 13.85 15.27 12.53
N LYS A 339 13.69 13.96 12.68
CA LYS A 339 14.16 13.02 11.66
C LYS A 339 13.49 13.24 10.32
N ALA A 340 12.19 13.52 10.36
CA ALA A 340 11.35 13.60 9.18
C ALA A 340 11.68 14.83 8.38
N ALA A 341 11.88 15.92 9.11
CA ALA A 341 12.31 17.16 8.52
C ALA A 341 13.62 16.92 7.79
N GLU A 342 14.63 16.51 8.53
CA GLU A 342 15.96 16.38 7.98
C GLU A 342 15.93 15.52 6.73
N THR A 343 15.00 14.58 6.71
CA THR A 343 14.85 13.68 5.57
C THR A 343 14.30 14.45 4.38
N LEU A 344 13.16 15.10 4.61
CA LEU A 344 12.49 15.87 3.56
C LEU A 344 13.38 17.01 3.11
N LEU A 345 14.10 17.60 4.05
CA LEU A 345 15.00 18.73 3.80
C LEU A 345 16.09 18.36 2.82
N LEU A 346 16.54 17.12 2.93
CA LEU A 346 17.50 16.52 2.01
C LEU A 346 16.83 16.19 0.67
N GLU A 347 15.80 15.35 0.71
CA GLU A 347 15.08 14.88 -0.48
C GLU A 347 14.55 16.01 -1.39
N SER A 348 14.44 17.23 -0.86
CA SER A 348 13.87 18.32 -1.66
C SER A 348 14.93 19.20 -2.34
N ASN B 2 -21.37 -7.20 2.31
CA ASN B 2 -21.89 -7.96 1.16
C ASN B 2 -20.80 -8.59 0.30
N ALA B 3 -20.65 -8.13 -0.93
CA ALA B 3 -19.72 -8.74 -1.88
C ALA B 3 -18.77 -7.74 -2.51
N MSE B 4 -17.53 -7.71 -2.03
CA MSE B 4 -16.56 -6.73 -2.49
C MSE B 4 -16.32 -6.74 -4.00
O MSE B 4 -15.92 -7.77 -4.57
CB MSE B 4 -15.22 -6.92 -1.75
CG MSE B 4 -14.14 -5.93 -2.17
SE MSE B 4 -12.48 -6.03 -1.11
CE MSE B 4 -13.25 -5.99 0.67
N GLU B 5 -16.55 -5.61 -4.66
CA GLU B 5 -16.14 -5.47 -6.04
C GLU B 5 -14.64 -5.19 -6.14
N LEU B 6 -13.96 -6.05 -6.88
CA LEU B 6 -12.50 -6.02 -6.98
C LEU B 6 -12.06 -6.13 -8.41
N ASP B 7 -12.93 -5.71 -9.33
CA ASP B 7 -12.62 -5.70 -10.73
C ASP B 7 -12.45 -4.25 -11.17
N TYR B 8 -11.49 -4.02 -12.07
CA TYR B 8 -11.09 -2.68 -12.47
C TYR B 8 -10.50 -1.89 -11.29
N LYS B 9 -9.77 -2.57 -10.41
CA LYS B 9 -9.14 -1.94 -9.27
C LYS B 9 -7.63 -2.20 -9.24
N ARG B 10 -6.89 -1.42 -8.47
CA ARG B 10 -5.48 -1.68 -8.32
C ARG B 10 -5.28 -2.53 -7.08
N ILE B 11 -4.61 -3.66 -7.22
CA ILE B 11 -4.54 -4.52 -6.06
C ILE B 11 -3.11 -4.81 -5.68
N VAL B 12 -2.92 -4.96 -4.38
CA VAL B 12 -1.64 -5.28 -3.78
C VAL B 12 -1.82 -6.38 -2.75
N VAL B 13 -1.15 -7.50 -2.99
CA VAL B 13 -1.24 -8.65 -2.12
C VAL B 13 0.12 -8.87 -1.47
N THR B 14 0.12 -8.83 -0.15
CA THR B 14 1.36 -8.90 0.60
C THR B 14 1.54 -10.27 1.20
N PHE B 15 2.69 -10.90 0.89
CA PHE B 15 3.03 -12.21 1.44
C PHE B 15 4.55 -12.40 1.65
N LEU B 16 4.98 -12.52 2.89
CA LEU B 16 6.41 -12.50 3.13
C LEU B 16 6.95 -13.78 3.77
N MSE B 17 6.30 -14.88 3.47
CA MSE B 17 6.65 -16.17 4.03
C MSE B 17 7.68 -16.96 3.21
O MSE B 17 8.28 -16.43 2.27
CB MSE B 17 5.39 -17.00 4.22
CG MSE B 17 4.30 -16.23 4.89
SE MSE B 17 3.10 -17.39 5.88
CE MSE B 17 4.38 -18.08 7.16
N HIS B 18 7.86 -18.22 3.57
CA HIS B 18 8.91 -19.05 3.00
C HIS B 18 8.46 -19.73 1.71
N LEU B 19 9.41 -20.14 0.90
CA LEU B 19 9.16 -20.88 -0.37
C LEU B 19 7.86 -21.71 -0.48
N GLY B 20 7.80 -22.83 0.23
CA GLY B 20 6.61 -23.65 0.21
C GLY B 20 5.33 -22.85 0.32
N ASP B 21 5.30 -21.95 1.30
CA ASP B 21 4.13 -21.13 1.54
C ASP B 21 3.77 -20.22 0.38
N VAL B 22 4.76 -19.58 -0.21
CA VAL B 22 4.48 -18.69 -1.34
C VAL B 22 3.89 -19.47 -2.55
N ILE B 23 4.49 -20.60 -2.92
CA ILE B 23 3.95 -21.38 -4.03
C ILE B 23 2.50 -21.72 -3.76
N LEU B 24 2.13 -21.74 -2.48
CA LEU B 24 0.77 -22.09 -2.10
C LEU B 24 -0.24 -20.95 -2.32
N THR B 25 0.25 -19.74 -2.45
CA THR B 25 -0.64 -18.62 -2.70
C THR B 25 -0.85 -18.49 -4.20
N THR B 26 -0.25 -19.42 -4.92
CA THR B 26 -0.26 -19.40 -6.36
C THR B 26 -1.64 -19.76 -7.00
N PRO B 27 -2.37 -20.75 -6.43
CA PRO B 27 -3.72 -20.94 -6.95
C PRO B 27 -4.66 -19.79 -6.57
N PHE B 28 -4.44 -19.21 -5.39
CA PHE B 28 -5.21 -18.06 -4.96
C PHE B 28 -5.07 -16.94 -5.98
N LEU B 29 -3.84 -16.72 -6.41
CA LEU B 29 -3.53 -15.77 -7.46
C LEU B 29 -4.40 -15.97 -8.70
N GLU B 30 -4.54 -17.22 -9.13
CA GLU B 30 -5.31 -17.55 -10.33
C GLU B 30 -6.77 -17.28 -10.13
N VAL B 31 -7.32 -17.82 -9.04
CA VAL B 31 -8.70 -17.56 -8.65
C VAL B 31 -8.99 -16.07 -8.54
N LEU B 32 -7.99 -15.31 -8.10
CA LEU B 32 -8.14 -13.86 -8.01
C LEU B 32 -8.20 -13.22 -9.39
N ARG B 33 -7.38 -13.71 -10.30
CA ARG B 33 -7.38 -13.22 -11.68
C ARG B 33 -8.74 -13.46 -12.37
N LYS B 34 -9.28 -14.66 -12.23
CA LYS B 34 -10.58 -15.01 -12.79
C LYS B 34 -11.59 -14.00 -12.34
N ALA B 35 -11.50 -13.67 -11.06
CA ALA B 35 -12.50 -12.81 -10.44
C ALA B 35 -12.33 -11.34 -10.81
N ALA B 36 -11.15 -10.95 -11.28
CA ALA B 36 -10.87 -9.53 -11.55
C ALA B 36 -10.09 -9.30 -12.86
N PRO B 37 -10.69 -9.70 -13.99
CA PRO B 37 -10.03 -9.64 -15.31
C PRO B 37 -9.31 -8.32 -15.63
N HIS B 38 -9.80 -7.20 -15.12
CA HIS B 38 -9.28 -5.91 -15.57
C HIS B 38 -8.56 -5.17 -14.45
N SER B 39 -8.54 -5.76 -13.26
CA SER B 39 -7.75 -5.23 -12.14
C SER B 39 -6.26 -5.40 -12.39
N HIS B 40 -5.46 -4.48 -11.86
CA HIS B 40 -4.02 -4.55 -11.96
C HIS B 40 -3.50 -5.01 -10.62
N ILE B 41 -2.79 -6.14 -10.64
CA ILE B 41 -2.38 -6.79 -9.40
C ILE B 41 -0.88 -6.77 -9.21
N THR B 42 -0.45 -6.18 -8.11
CA THR B 42 0.96 -6.23 -7.73
C THR B 42 1.15 -7.18 -6.55
N TYR B 43 2.11 -8.09 -6.67
CA TYR B 43 2.41 -9.02 -5.59
C TYR B 43 3.68 -8.56 -4.89
N VAL B 44 3.74 -8.78 -3.58
CA VAL B 44 4.85 -8.30 -2.77
C VAL B 44 5.51 -9.46 -2.04
N ILE B 45 6.78 -9.70 -2.34
CA ILE B 45 7.42 -10.94 -1.96
C ILE B 45 8.83 -10.78 -1.37
N ASP B 46 9.23 -11.77 -0.58
CA ASP B 46 10.61 -11.88 -0.12
C ASP B 46 11.55 -12.01 -1.31
N GLU B 47 12.47 -11.07 -1.43
CA GLU B 47 13.43 -11.03 -2.53
C GLU B 47 14.06 -12.39 -2.92
N LYS B 48 14.53 -13.11 -1.91
CA LYS B 48 15.23 -14.35 -2.17
C LYS B 48 14.30 -15.37 -2.84
N LEU B 49 13.00 -15.14 -2.76
CA LEU B 49 12.03 -16.09 -3.31
C LEU B 49 11.50 -15.66 -4.67
N GLN B 50 11.97 -14.53 -5.16
CA GLN B 50 11.34 -13.84 -6.26
C GLN B 50 11.27 -14.55 -7.65
N GLN B 51 12.24 -15.37 -8.00
CA GLN B 51 12.18 -16.08 -9.26
C GLN B 51 10.91 -16.94 -9.37
N VAL B 52 10.33 -17.21 -8.21
CA VAL B 52 9.14 -18.04 -8.10
C VAL B 52 7.86 -17.31 -8.56
N MSE B 53 7.86 -15.98 -8.54
CA MSE B 53 6.71 -15.23 -9.03
C MSE B 53 7.04 -14.36 -10.22
O MSE B 53 6.16 -13.84 -10.88
CB MSE B 53 6.12 -14.35 -7.95
CG MSE B 53 4.63 -14.21 -8.08
SE MSE B 53 3.84 -15.62 -7.07
CE MSE B 53 1.97 -15.12 -7.20
N GLU B 54 8.33 -14.20 -10.49
CA GLU B 54 8.81 -13.33 -11.55
C GLU B 54 7.98 -13.34 -12.82
N TYR B 55 7.67 -14.53 -13.34
CA TYR B 55 6.91 -14.64 -14.60
C TYR B 55 5.50 -15.17 -14.40
N ASN B 56 4.96 -15.01 -13.20
CA ASN B 56 3.60 -15.47 -12.96
C ASN B 56 2.70 -14.68 -13.89
N PRO B 57 1.75 -15.38 -14.51
CA PRO B 57 0.91 -14.75 -15.53
C PRO B 57 -0.33 -14.01 -14.96
N ASN B 58 -0.67 -14.23 -13.70
CA ASN B 58 -1.84 -13.59 -13.10
C ASN B 58 -1.47 -12.27 -12.41
N ILE B 59 -0.27 -11.80 -12.70
CA ILE B 59 0.36 -10.75 -11.91
C ILE B 59 0.82 -9.66 -12.86
N ASP B 60 0.85 -8.41 -12.38
CA ASP B 60 1.22 -7.27 -13.24
C ASP B 60 2.48 -6.58 -12.79
N GLU B 61 2.96 -6.94 -11.61
CA GLU B 61 4.09 -6.26 -11.02
C GLU B 61 4.58 -7.03 -9.79
N LEU B 62 5.89 -7.23 -9.71
CA LEU B 62 6.51 -7.84 -8.54
C LEU B 62 7.26 -6.79 -7.71
N ILE B 63 6.90 -6.68 -6.43
CA ILE B 63 7.68 -5.84 -5.50
C ILE B 63 8.44 -6.72 -4.50
N VAL B 64 9.76 -6.60 -4.43
CA VAL B 64 10.48 -7.48 -3.52
C VAL B 64 10.99 -6.74 -2.29
N VAL B 65 11.12 -7.48 -1.19
CA VAL B 65 11.67 -6.93 0.04
C VAL B 65 12.66 -7.93 0.66
N ASP B 66 13.82 -7.48 1.12
CA ASP B 66 14.65 -8.40 1.90
C ASP B 66 14.49 -8.20 3.39
N LYS B 67 13.60 -9.00 3.97
CA LYS B 67 13.32 -9.01 5.40
C LYS B 67 14.54 -8.67 6.27
N LYS B 68 15.69 -9.24 5.93
CA LYS B 68 16.85 -9.14 6.82
C LYS B 68 18.03 -8.38 6.20
N GLY B 69 17.71 -7.43 5.33
CA GLY B 69 18.73 -6.63 4.64
C GLY B 69 18.41 -5.14 4.59
N ARG B 70 18.11 -4.63 3.40
CA ARG B 70 17.70 -3.23 3.20
C ARG B 70 16.40 -2.88 3.92
N HIS B 71 15.46 -3.82 3.95
CA HIS B 71 14.13 -3.56 4.48
C HIS B 71 13.90 -4.27 5.80
N ASN B 72 14.97 -4.42 6.59
CA ASN B 72 14.87 -4.96 7.93
C ASN B 72 14.53 -3.90 9.00
N SER B 73 14.35 -2.66 8.54
CA SER B 73 13.91 -1.59 9.42
C SER B 73 12.46 -1.27 9.12
N ILE B 74 11.76 -0.66 10.07
CA ILE B 74 10.46 -0.09 9.75
C ILE B 74 10.71 0.88 8.59
N SER B 75 11.76 1.69 8.73
CA SER B 75 12.17 2.58 7.66
C SER B 75 12.35 1.77 6.38
N GLY B 76 12.93 0.58 6.52
CA GLY B 76 13.06 -0.34 5.40
C GLY B 76 11.72 -0.60 4.74
N LEU B 77 10.77 -1.10 5.52
CA LEU B 77 9.42 -1.36 5.02
C LEU B 77 8.80 -0.11 4.42
N ASN B 78 8.97 1.03 5.12
CA ASN B 78 8.45 2.33 4.67
C ASN B 78 8.95 2.69 3.28
N GLU B 79 10.25 2.47 3.06
CA GLU B 79 10.88 2.60 1.76
C GLU B 79 10.08 1.85 0.67
N VAL B 80 9.54 0.68 1.01
CA VAL B 80 8.75 -0.10 0.06
C VAL B 80 7.33 0.42 -0.18
N ALA B 81 6.62 0.80 0.89
CA ALA B 81 5.29 1.36 0.70
C ALA B 81 5.42 2.62 -0.16
N ARG B 82 6.44 3.43 0.11
CA ARG B 82 6.75 4.60 -0.69
C ARG B 82 6.84 4.26 -2.18
N GLU B 83 7.36 3.07 -2.47
CA GLU B 83 7.63 2.65 -3.84
C GLU B 83 6.40 2.06 -4.51
N ILE B 84 5.52 1.49 -3.70
CA ILE B 84 4.24 1.00 -4.19
C ILE B 84 3.30 2.17 -4.48
N ASN B 85 3.35 3.17 -3.60
CA ASN B 85 2.57 4.39 -3.79
C ASN B 85 3.11 5.30 -4.88
N ALA B 86 4.32 5.04 -5.36
CA ALA B 86 4.87 5.81 -6.47
C ALA B 86 4.38 5.19 -7.78
N LYS B 87 4.18 3.87 -7.71
CA LYS B 87 3.66 3.11 -8.84
C LYS B 87 2.28 3.61 -9.30
N GLY B 88 1.45 4.03 -8.35
CA GLY B 88 0.07 4.38 -8.59
C GLY B 88 -0.75 4.28 -7.31
N LYS B 89 -2.04 4.59 -7.39
CA LYS B 89 -2.91 4.58 -6.20
C LYS B 89 -3.51 3.19 -5.99
N THR B 90 -3.14 2.54 -4.90
CA THR B 90 -3.62 1.18 -4.60
C THR B 90 -5.02 1.17 -3.98
N ASP B 91 -5.94 0.47 -4.61
CA ASP B 91 -7.34 0.53 -4.17
C ASP B 91 -7.61 -0.47 -3.07
N ILE B 92 -7.00 -1.64 -3.19
CA ILE B 92 -7.19 -2.69 -2.20
C ILE B 92 -5.86 -3.29 -1.79
N VAL B 93 -5.75 -3.58 -0.50
CA VAL B 93 -4.64 -4.38 -0.04
C VAL B 93 -5.17 -5.61 0.66
N ILE B 94 -4.77 -6.78 0.16
CA ILE B 94 -5.07 -8.04 0.80
C ILE B 94 -3.82 -8.55 1.45
N ASN B 95 -3.86 -8.62 2.77
CA ASN B 95 -2.77 -9.23 3.49
C ASN B 95 -3.07 -10.70 3.71
N LEU B 96 -2.09 -11.54 3.40
CA LEU B 96 -2.23 -12.99 3.53
C LEU B 96 -1.29 -13.54 4.61
N HIS B 97 -0.45 -12.65 5.13
CA HIS B 97 0.60 -13.04 6.05
C HIS B 97 0.53 -12.20 7.30
N PRO B 98 -0.20 -12.67 8.32
CA PRO B 98 -0.49 -11.85 9.49
C PRO B 98 0.61 -11.76 10.57
N ASN B 99 1.87 -11.58 10.19
CA ASN B 99 2.85 -11.24 11.20
C ASN B 99 2.96 -9.72 11.31
N GLU B 100 3.62 -9.23 12.36
CA GLU B 100 3.66 -7.78 12.59
C GLU B 100 4.26 -7.05 11.40
N ARG B 101 5.50 -7.38 11.04
CA ARG B 101 6.19 -6.54 10.07
C ARG B 101 5.47 -6.50 8.74
N THR B 102 4.73 -7.56 8.41
CA THR B 102 3.99 -7.59 7.13
C THR B 102 2.63 -6.91 7.26
N SER B 103 1.87 -7.31 8.28
CA SER B 103 0.66 -6.58 8.63
C SER B 103 0.97 -5.08 8.62
N TYR B 104 2.07 -4.69 9.28
CA TYR B 104 2.51 -3.31 9.29
C TYR B 104 2.61 -2.69 7.92
N LEU B 105 3.52 -3.22 7.11
CA LEU B 105 3.72 -2.74 5.74
C LEU B 105 2.41 -2.68 4.93
N ALA B 106 1.58 -3.70 5.05
CA ALA B 106 0.28 -3.61 4.40
C ALA B 106 -0.42 -2.29 4.79
N TRP B 107 -0.38 -1.99 6.09
CA TRP B 107 -1.09 -0.87 6.66
C TRP B 107 -0.46 0.46 6.26
N LYS B 108 0.84 0.47 6.03
CA LYS B 108 1.51 1.71 5.67
C LYS B 108 1.19 2.09 4.24
N ILE B 109 0.93 1.10 3.40
CA ILE B 109 0.48 1.39 2.05
C ILE B 109 -0.69 2.38 2.06
N HIS B 110 -1.63 2.19 2.98
CA HIS B 110 -2.73 3.12 3.15
C HIS B 110 -3.66 3.19 1.98
N ALA B 111 -4.27 2.04 1.67
CA ALA B 111 -5.34 2.02 0.68
C ALA B 111 -6.68 2.16 1.42
N PRO B 112 -7.74 2.55 0.70
CA PRO B 112 -9.08 2.62 1.28
C PRO B 112 -9.49 1.25 1.84
N ILE B 113 -9.57 0.21 1.01
CA ILE B 113 -9.90 -1.10 1.55
C ILE B 113 -8.64 -1.88 1.88
N THR B 114 -8.58 -2.42 3.10
CA THR B 114 -7.51 -3.34 3.50
C THR B 114 -8.13 -4.57 4.12
N THR B 115 -7.76 -5.74 3.62
CA THR B 115 -8.41 -6.98 4.01
C THR B 115 -7.47 -8.18 3.99
N GLY B 116 -7.99 -9.34 4.38
CA GLY B 116 -7.18 -10.51 4.63
C GLY B 116 -6.92 -10.63 6.12
N MSE B 117 -5.92 -11.42 6.49
CA MSE B 117 -5.59 -11.55 7.90
C MSE B 117 -4.50 -10.55 8.20
O MSE B 117 -3.66 -10.27 7.34
CB MSE B 117 -5.08 -12.96 8.22
CG MSE B 117 -6.04 -13.81 9.04
SE MSE B 117 -5.09 -14.99 10.26
CE MSE B 117 -6.53 -16.05 11.01
N SER B 118 -4.50 -10.01 9.41
CA SER B 118 -3.40 -9.17 9.85
C SER B 118 -3.12 -9.30 11.33
N HIS B 119 -1.90 -9.00 11.70
CA HIS B 119 -1.48 -9.06 13.09
C HIS B 119 -2.49 -8.31 13.98
N PHE B 120 -2.70 -8.80 15.20
CA PHE B 120 -3.78 -8.27 16.02
C PHE B 120 -3.73 -6.78 16.29
N LEU B 121 -2.54 -6.19 16.31
CA LEU B 121 -2.41 -4.76 16.55
C LEU B 121 -2.70 -3.92 15.32
N PHE B 122 -3.21 -4.55 14.27
CA PHE B 122 -3.60 -3.85 13.07
C PHE B 122 -5.02 -4.21 12.65
N ARG B 123 -5.62 -5.13 13.40
CA ARG B 123 -6.96 -5.60 13.10
C ARG B 123 -8.00 -4.50 13.23
N PRO B 124 -7.83 -3.59 14.19
CA PRO B 124 -8.75 -2.44 14.30
C PRO B 124 -8.73 -1.49 13.08
N PHE B 125 -7.62 -1.45 12.34
CA PHE B 125 -7.48 -0.50 11.24
C PHE B 125 -7.78 -1.10 9.87
N MSE B 126 -8.77 -1.99 9.74
CA MSE B 126 -9.00 -2.57 8.42
C MSE B 126 -10.41 -2.99 8.06
O MSE B 126 -11.18 -3.46 8.91
CB MSE B 126 -8.01 -3.71 8.13
CG MSE B 126 -8.10 -4.88 9.06
SE MSE B 126 -6.85 -6.19 8.37
CE MSE B 126 -6.80 -7.31 9.96
N THR B 127 -10.72 -2.84 6.79
CA THR B 127 -12.11 -2.85 6.33
C THR B 127 -12.80 -4.18 6.59
N LYS B 128 -12.35 -5.21 5.88
CA LYS B 128 -12.87 -6.55 6.07
C LYS B 128 -11.72 -7.45 6.52
N TYR B 129 -11.84 -7.96 7.74
CA TYR B 129 -10.88 -8.91 8.26
C TYR B 129 -11.36 -10.32 7.96
N THR B 130 -10.46 -11.14 7.44
CA THR B 130 -10.78 -12.53 7.15
C THR B 130 -9.76 -13.43 7.84
N ARG B 131 -10.26 -14.18 8.83
CA ARG B 131 -9.45 -15.18 9.52
C ARG B 131 -9.17 -16.39 8.63
N LEU B 132 -7.89 -16.73 8.50
CA LEU B 132 -7.47 -17.92 7.79
C LEU B 132 -8.02 -19.17 8.47
N ASP B 133 -8.58 -20.09 7.67
CA ASP B 133 -9.03 -21.34 8.24
C ASP B 133 -7.89 -22.35 8.26
N ARG B 134 -7.19 -22.39 9.38
CA ARG B 134 -6.06 -23.30 9.53
C ARG B 134 -6.54 -24.67 10.05
N LYS B 135 -7.84 -24.88 10.02
CA LYS B 135 -8.43 -26.02 10.71
C LYS B 135 -9.10 -27.04 9.79
N THR B 136 -9.66 -26.56 8.69
CA THR B 136 -10.56 -27.38 7.87
C THR B 136 -10.18 -27.43 6.40
N ARG B 137 -9.26 -26.60 5.96
CA ARG B 137 -8.89 -26.56 4.56
C ARG B 137 -7.40 -26.83 4.35
N HIS B 138 -7.08 -27.42 3.20
CA HIS B 138 -5.72 -27.45 2.71
C HIS B 138 -5.23 -26.01 2.66
N ALA B 139 -3.98 -25.78 3.03
CA ALA B 139 -3.44 -24.43 3.07
C ALA B 139 -3.82 -23.63 1.82
N ALA B 140 -3.67 -24.25 0.66
CA ALA B 140 -3.94 -23.58 -0.60
C ALA B 140 -5.40 -23.10 -0.74
N ASP B 141 -6.35 -23.90 -0.25
CA ASP B 141 -7.75 -23.54 -0.28
C ASP B 141 -8.09 -22.49 0.77
N MSE B 142 -7.34 -22.49 1.88
CA MSE B 142 -7.60 -21.57 2.98
C MSE B 142 -7.20 -20.15 2.60
O MSE B 142 -7.67 -19.16 3.18
CB MSE B 142 -6.91 -22.03 4.28
CG MSE B 142 -5.43 -21.74 4.35
SE MSE B 142 -4.71 -21.48 6.16
CE MSE B 142 -2.91 -21.02 5.57
N TYR B 143 -6.32 -20.07 1.60
CA TYR B 143 -5.96 -18.79 0.98
C TYR B 143 -7.06 -18.30 0.03
N ILE B 144 -7.59 -19.21 -0.79
CA ILE B 144 -8.72 -18.90 -1.64
C ILE B 144 -9.94 -18.58 -0.78
N ASN B 145 -9.99 -19.14 0.43
CA ASN B 145 -11.09 -18.88 1.35
C ASN B 145 -11.25 -17.40 1.65
N VAL B 146 -10.13 -16.69 1.73
CA VAL B 146 -10.14 -15.24 1.77
C VAL B 146 -11.10 -14.73 0.69
N LEU B 147 -10.73 -14.94 -0.58
CA LEU B 147 -11.58 -14.59 -1.72
C LEU B 147 -13.04 -15.04 -1.58
N GLU B 148 -13.27 -16.24 -1.04
CA GLU B 148 -14.63 -16.71 -0.80
C GLU B 148 -15.33 -15.79 0.20
N GLN B 149 -14.56 -15.22 1.12
CA GLN B 149 -15.12 -14.36 2.14
C GLN B 149 -15.42 -12.96 1.61
N LEU B 150 -14.78 -12.59 0.51
CA LEU B 150 -15.06 -11.32 -0.15
C LEU B 150 -16.20 -11.43 -1.18
N GLY B 151 -16.62 -12.65 -1.49
CA GLY B 151 -17.73 -12.87 -2.40
C GLY B 151 -17.47 -13.90 -3.51
N VAL B 152 -16.21 -14.03 -3.89
CA VAL B 152 -15.82 -14.97 -4.91
C VAL B 152 -16.50 -16.33 -4.78
N THR B 153 -16.78 -16.95 -5.92
CA THR B 153 -17.43 -18.26 -5.97
C THR B 153 -16.75 -19.20 -6.98
N ASP B 154 -16.17 -18.63 -8.03
CA ASP B 154 -15.38 -19.42 -8.99
C ASP B 154 -14.01 -19.81 -8.41
N THR B 155 -13.93 -21.07 -7.94
CA THR B 155 -12.80 -21.57 -7.16
C THR B 155 -11.89 -22.54 -7.94
N SER B 156 -12.23 -22.81 -9.19
CA SER B 156 -11.46 -23.74 -9.99
C SER B 156 -10.09 -23.15 -10.30
N ASN B 157 -9.08 -24.00 -10.41
CA ASN B 157 -7.72 -23.53 -10.70
C ASN B 157 -6.74 -24.64 -11.08
N SER B 158 -5.77 -24.29 -11.92
CA SER B 158 -4.76 -25.22 -12.41
C SER B 158 -3.74 -25.60 -11.34
N GLY B 159 -4.18 -25.86 -10.12
CA GLY B 159 -3.25 -26.17 -9.04
C GLY B 159 -2.02 -25.25 -8.95
N LEU B 160 -0.87 -25.82 -8.56
CA LEU B 160 0.33 -25.01 -8.28
C LEU B 160 1.16 -24.65 -9.51
N HIS B 161 1.42 -23.35 -9.67
CA HIS B 161 2.09 -22.85 -10.87
C HIS B 161 3.41 -22.13 -10.57
N ILE B 162 4.41 -22.34 -11.43
CA ILE B 162 5.57 -21.47 -11.49
C ILE B 162 5.94 -21.37 -12.97
N GLU B 163 5.84 -20.17 -13.53
CA GLU B 163 6.15 -19.94 -14.93
C GLU B 163 7.66 -19.89 -15.11
N ILE B 164 8.17 -20.67 -16.05
CA ILE B 164 9.61 -20.76 -16.30
C ILE B 164 9.91 -19.94 -17.53
N CYS B 165 11.15 -19.50 -17.70
CA CYS B 165 11.52 -18.75 -18.89
C CYS B 165 12.60 -19.44 -19.74
N GLU B 166 12.62 -19.11 -21.02
CA GLU B 166 13.62 -19.65 -21.94
C GLU B 166 14.95 -20.05 -21.28
N GLU B 167 15.66 -19.10 -20.69
CA GLU B 167 17.03 -19.38 -20.24
C GLU B 167 17.09 -20.37 -19.09
N TRP B 168 15.98 -20.54 -18.39
CA TRP B 168 15.94 -21.50 -17.31
C TRP B 168 15.84 -22.92 -17.88
N ARG B 169 14.89 -23.11 -18.79
CA ARG B 169 14.81 -24.35 -19.55
C ARG B 169 16.17 -24.58 -20.19
N CYS B 170 16.73 -23.51 -20.74
CA CYS B 170 17.97 -23.64 -21.48
C CYS B 170 19.10 -24.14 -20.58
N GLN B 171 19.15 -23.66 -19.34
CA GLN B 171 20.21 -24.08 -18.44
C GLN B 171 20.03 -25.52 -17.96
N ALA B 172 18.82 -25.84 -17.52
CA ALA B 172 18.52 -27.23 -17.13
C ALA B 172 18.79 -28.20 -18.28
N GLN B 173 18.52 -27.74 -19.49
CA GLN B 173 18.71 -28.56 -20.67
C GLN B 173 20.19 -28.88 -20.83
N GLU B 174 21.02 -27.85 -20.82
CA GLU B 174 22.46 -28.00 -20.99
C GLU B 174 23.11 -28.82 -19.88
N PHE B 175 22.57 -28.68 -18.68
CA PHE B 175 23.07 -29.40 -17.52
C PHE B 175 22.88 -30.89 -17.69
N TYR B 176 21.66 -31.29 -18.07
CA TYR B 176 21.30 -32.68 -18.23
C TYR B 176 21.96 -33.32 -19.44
N SER B 177 21.97 -32.63 -20.57
CA SER B 177 22.61 -33.19 -21.75
C SER B 177 24.07 -33.47 -21.42
N SER B 178 24.70 -32.54 -20.70
CA SER B 178 26.12 -32.60 -20.39
C SER B 178 26.44 -33.65 -19.32
N HIS B 179 25.42 -34.29 -18.77
CA HIS B 179 25.61 -35.46 -17.93
C HIS B 179 25.02 -36.68 -18.63
N GLY B 180 24.81 -36.53 -19.93
CA GLY B 180 24.35 -37.62 -20.78
C GLY B 180 22.91 -38.08 -20.59
N LEU B 181 22.02 -37.14 -20.33
CA LEU B 181 20.59 -37.49 -20.29
C LEU B 181 20.07 -37.51 -21.72
N THR B 182 19.45 -38.63 -22.10
CA THR B 182 18.84 -38.72 -23.41
C THR B 182 17.35 -38.47 -23.22
N ASP B 183 16.71 -37.93 -24.24
CA ASP B 183 15.30 -37.52 -24.13
C ASP B 183 14.40 -38.72 -23.86
N THR B 184 15.02 -39.89 -23.74
CA THR B 184 14.32 -41.16 -23.70
C THR B 184 14.47 -41.78 -22.32
N ASP B 185 15.37 -41.19 -21.54
CA ASP B 185 15.71 -41.69 -20.20
C ASP B 185 14.61 -41.42 -19.18
N ILE B 186 14.61 -42.21 -18.12
CA ILE B 186 13.66 -42.06 -17.04
C ILE B 186 14.38 -41.54 -15.81
N LEU B 187 13.84 -40.48 -15.23
CA LEU B 187 14.60 -39.68 -14.28
C LEU B 187 13.97 -39.60 -12.89
N ILE B 188 14.67 -40.15 -11.91
CA ILE B 188 14.19 -40.03 -10.54
C ILE B 188 14.89 -38.91 -9.77
N GLY B 189 14.09 -37.94 -9.33
CA GLY B 189 14.62 -36.82 -8.57
C GLY B 189 14.59 -37.03 -7.06
N PHE B 190 15.62 -36.54 -6.37
CA PHE B 190 15.66 -36.63 -4.92
C PHE B 190 15.82 -35.28 -4.25
N ASN B 191 14.97 -35.03 -3.26
CA ASN B 191 15.17 -33.91 -2.37
C ASN B 191 15.24 -34.47 -0.98
N ILE B 192 16.45 -34.47 -0.39
CA ILE B 192 16.69 -35.16 0.87
C ILE B 192 16.88 -34.29 2.11
N GLY B 193 17.27 -33.03 1.93
CA GLY B 193 17.68 -32.17 3.04
C GLY B 193 16.57 -31.52 3.85
N SER B 194 16.84 -31.33 5.13
CA SER B 194 15.99 -30.51 6.00
C SER B 194 16.70 -30.06 7.27
N ALA B 195 16.64 -28.77 7.55
CA ALA B 195 17.10 -28.25 8.84
C ALA B 195 16.53 -29.04 10.04
N VAL B 196 15.28 -29.45 9.95
CA VAL B 196 14.71 -30.34 10.96
C VAL B 196 15.40 -31.69 10.90
N PRO B 197 15.88 -32.17 12.05
CA PRO B 197 16.41 -33.54 12.10
C PRO B 197 15.33 -34.59 11.83
N GLU B 198 14.13 -34.37 12.34
CA GLU B 198 13.07 -35.36 12.20
C GLU B 198 12.45 -35.36 10.80
N LYS B 199 12.94 -34.46 9.94
CA LYS B 199 12.57 -34.48 8.54
C LYS B 199 13.74 -34.96 7.69
N ARG B 200 14.50 -35.92 8.22
CA ARG B 200 15.62 -36.50 7.50
C ARG B 200 15.57 -38.03 7.51
N TRP B 201 15.77 -38.63 6.35
CA TRP B 201 15.90 -40.08 6.25
C TRP B 201 17.39 -40.44 6.22
N PRO B 202 17.75 -41.57 6.85
CA PRO B 202 19.13 -42.08 6.85
C PRO B 202 19.72 -42.20 5.44
N ALA B 203 20.95 -41.74 5.27
CA ALA B 203 21.60 -41.72 3.97
C ALA B 203 21.58 -43.09 3.25
N GLU B 204 22.01 -44.14 3.95
CA GLU B 204 21.99 -45.48 3.37
C GLU B 204 20.65 -45.82 2.72
N ARG B 205 19.55 -45.49 3.39
CA ARG B 205 18.23 -45.74 2.81
C ARG B 205 18.01 -45.00 1.50
N PHE B 206 18.55 -43.79 1.39
CA PHE B 206 18.45 -43.03 0.14
C PHE B 206 19.33 -43.63 -0.94
N ALA B 207 20.63 -43.75 -0.65
CA ALA B 207 21.57 -44.33 -1.59
C ALA B 207 21.02 -45.61 -2.18
N HIS B 208 20.37 -46.43 -1.35
CA HIS B 208 19.90 -47.74 -1.80
C HIS B 208 18.77 -47.61 -2.80
N VAL B 209 17.72 -46.91 -2.39
CA VAL B 209 16.65 -46.56 -3.32
C VAL B 209 17.22 -46.06 -4.65
N ALA B 210 18.10 -45.05 -4.59
CA ALA B 210 18.76 -44.58 -5.81
C ALA B 210 19.35 -45.74 -6.63
N ASP B 211 20.14 -46.58 -5.97
CA ASP B 211 20.82 -47.69 -6.63
C ASP B 211 19.83 -48.68 -7.22
N TYR B 212 18.74 -48.92 -6.49
CA TYR B 212 17.67 -49.78 -6.97
C TYR B 212 17.21 -49.37 -8.38
N PHE B 213 16.67 -48.16 -8.49
CA PHE B 213 16.25 -47.63 -9.78
C PHE B 213 17.44 -47.40 -10.71
N GLY B 214 18.63 -47.29 -10.11
CA GLY B 214 19.83 -47.07 -10.88
C GLY B 214 20.03 -48.22 -11.83
N ARG B 215 19.83 -49.43 -11.33
CA ARG B 215 20.11 -50.62 -12.11
C ARG B 215 19.01 -50.90 -13.14
N LEU B 216 17.78 -50.52 -12.82
CA LEU B 216 16.68 -50.62 -13.80
C LEU B 216 16.93 -49.73 -15.01
N GLY B 217 18.07 -49.05 -15.04
CA GLY B 217 18.44 -48.22 -16.17
C GLY B 217 18.05 -46.77 -16.03
N TYR B 218 17.41 -46.42 -14.92
CA TYR B 218 17.04 -45.03 -14.63
C TYR B 218 18.24 -44.18 -14.20
N LYS B 219 18.13 -42.88 -14.45
CA LYS B 219 19.10 -41.93 -13.92
C LYS B 219 18.54 -41.18 -12.71
N THR B 220 19.42 -40.86 -11.77
CA THR B 220 19.00 -40.21 -10.53
C THR B 220 19.60 -38.82 -10.39
N VAL B 221 18.79 -37.87 -9.91
CA VAL B 221 19.28 -36.52 -9.66
C VAL B 221 19.10 -36.18 -8.22
N PHE B 222 20.14 -35.61 -7.63
CA PHE B 222 19.97 -35.01 -6.32
C PHE B 222 19.87 -33.49 -6.38
N PHE B 223 18.84 -32.99 -5.70
CA PHE B 223 18.54 -31.56 -5.66
C PHE B 223 18.91 -30.97 -4.31
N GLY B 224 18.70 -29.65 -4.17
CA GLY B 224 18.88 -28.98 -2.90
C GLY B 224 19.86 -27.82 -3.01
N GLY B 225 19.96 -27.03 -1.94
CA GLY B 225 20.73 -25.79 -1.92
C GLY B 225 22.16 -26.03 -1.47
N PRO B 226 22.94 -24.96 -1.30
CA PRO B 226 24.34 -25.13 -0.91
C PRO B 226 24.45 -25.71 0.51
N MSE B 227 23.40 -25.49 1.31
CA MSE B 227 23.36 -26.01 2.66
C MSE B 227 23.12 -27.52 2.69
O MSE B 227 23.06 -28.13 3.76
CB MSE B 227 22.31 -25.25 3.48
CG MSE B 227 22.84 -23.93 4.07
SE MSE B 227 21.51 -22.75 4.87
CE MSE B 227 20.46 -24.07 5.88
N ASP B 228 23.01 -28.12 1.51
CA ASP B 228 22.58 -29.50 1.43
C ASP B 228 23.67 -30.47 1.02
N LEU B 229 24.80 -29.96 0.56
CA LEU B 229 25.92 -30.82 0.19
C LEU B 229 26.22 -31.79 1.34
N GLU B 230 26.45 -31.23 2.52
CA GLU B 230 26.75 -32.00 3.73
C GLU B 230 25.92 -33.28 3.88
N MSE B 231 24.62 -33.18 3.64
CA MSE B 231 23.77 -34.33 3.84
C MSE B 231 23.63 -35.21 2.60
O MSE B 231 23.28 -36.39 2.70
CB MSE B 231 22.38 -33.88 4.33
CG MSE B 231 22.34 -33.44 5.77
SE MSE B 231 20.55 -32.76 6.20
CE MSE B 231 19.50 -34.36 5.79
N VAL B 232 23.93 -34.63 1.43
CA VAL B 232 23.85 -35.33 0.16
C VAL B 232 25.12 -36.18 -0.08
N GLN B 233 26.26 -35.67 0.38
CA GLN B 233 27.54 -36.37 0.15
C GLN B 233 27.65 -37.81 0.72
N PRO B 234 27.14 -38.05 1.95
CA PRO B 234 27.13 -39.40 2.50
C PRO B 234 26.40 -40.36 1.58
N VAL B 235 25.30 -39.90 1.00
CA VAL B 235 24.54 -40.73 0.09
C VAL B 235 25.36 -41.10 -1.17
N VAL B 236 26.00 -40.12 -1.77
CA VAL B 236 26.72 -40.32 -3.02
C VAL B 236 27.93 -41.25 -2.89
N GLU B 237 28.76 -40.99 -1.88
CA GLU B 237 29.95 -41.79 -1.68
C GLU B 237 29.53 -43.27 -1.58
N GLN B 238 28.33 -43.47 -1.05
CA GLN B 238 27.86 -44.79 -0.64
C GLN B 238 27.03 -45.48 -1.75
N MSE B 239 26.90 -44.81 -2.89
CA MSE B 239 26.15 -45.37 -4.00
C MSE B 239 27.06 -46.15 -4.92
O MSE B 239 28.27 -45.97 -4.91
CB MSE B 239 25.43 -44.28 -4.78
CG MSE B 239 24.11 -43.82 -4.14
SE MSE B 239 23.30 -42.35 -5.14
CE MSE B 239 23.05 -43.25 -6.87
N GLU B 240 26.45 -47.01 -5.72
CA GLU B 240 27.18 -47.93 -6.57
C GLU B 240 26.88 -47.61 -8.03
N THR B 241 25.76 -46.95 -8.25
CA THR B 241 25.45 -46.38 -9.56
C THR B 241 25.98 -44.94 -9.59
N LYS B 242 25.83 -44.28 -10.74
CA LYS B 242 26.29 -42.89 -10.89
C LYS B 242 25.15 -41.90 -10.77
N PRO B 243 25.16 -41.08 -9.72
CA PRO B 243 24.08 -40.11 -9.62
C PRO B 243 24.44 -38.74 -10.19
N ILE B 244 23.44 -38.02 -10.69
CA ILE B 244 23.61 -36.62 -11.06
C ILE B 244 23.49 -35.74 -9.82
N VAL B 245 24.46 -34.85 -9.62
CA VAL B 245 24.39 -33.89 -8.53
C VAL B 245 24.02 -32.48 -8.99
N ALA B 246 22.80 -32.11 -8.68
CA ALA B 246 22.32 -30.78 -9.01
C ALA B 246 22.42 -29.92 -7.75
N THR B 247 22.64 -30.59 -6.63
CA THR B 247 22.67 -29.93 -5.34
C THR B 247 23.52 -28.65 -5.35
N GLY B 248 22.91 -27.56 -4.90
CA GLY B 248 23.56 -26.26 -4.77
C GLY B 248 24.03 -25.65 -6.09
N LYS B 249 23.38 -26.00 -7.19
CA LYS B 249 23.83 -25.55 -8.50
C LYS B 249 22.76 -24.79 -9.26
N PHE B 250 21.57 -24.70 -8.66
CA PHE B 250 20.43 -24.07 -9.33
C PHE B 250 19.74 -23.00 -8.47
N GLN B 251 19.62 -21.80 -9.02
CA GLN B 251 18.76 -20.81 -8.45
C GLN B 251 17.33 -21.32 -8.58
N LEU B 252 16.39 -20.71 -7.83
CA LEU B 252 15.03 -21.25 -7.74
C LEU B 252 14.36 -21.50 -9.08
N GLY B 253 14.45 -20.55 -9.99
CA GLY B 253 13.91 -20.75 -11.32
C GLY B 253 14.51 -21.96 -12.00
N PRO B 254 15.80 -21.86 -12.38
CA PRO B 254 16.51 -22.98 -12.97
C PRO B 254 16.14 -24.27 -12.24
N LEU B 255 16.01 -24.21 -10.92
CA LEU B 255 15.57 -25.38 -10.17
C LEU B 255 14.23 -25.86 -10.72
N ALA B 256 13.24 -24.97 -10.75
CA ALA B 256 11.92 -25.34 -11.22
C ALA B 256 12.00 -26.12 -12.53
N ALA B 257 12.76 -25.56 -13.47
CA ALA B 257 12.94 -26.17 -14.79
C ALA B 257 13.60 -27.55 -14.68
N ALA B 258 14.72 -27.60 -13.97
CA ALA B 258 15.47 -28.83 -13.81
C ALA B 258 14.56 -29.90 -13.19
N MSE B 259 13.67 -29.46 -12.32
CA MSE B 259 12.75 -30.38 -11.68
C MSE B 259 11.62 -30.84 -12.63
O MSE B 259 10.89 -31.80 -12.38
CB MSE B 259 12.17 -29.72 -10.43
CG MSE B 259 12.60 -30.39 -9.17
SE MSE B 259 12.13 -29.36 -7.59
CE MSE B 259 12.69 -30.58 -6.18
N ASN B 260 11.49 -30.13 -13.74
CA ASN B 260 10.40 -30.38 -14.67
C ASN B 260 10.65 -31.64 -15.52
N ARG B 261 11.92 -31.91 -15.77
CA ARG B 261 12.32 -33.11 -16.50
C ARG B 261 11.96 -34.38 -15.74
N CYS B 262 12.12 -34.36 -14.42
CA CYS B 262 11.84 -35.52 -13.57
C CYS B 262 10.56 -36.27 -13.89
N ASN B 263 10.68 -37.60 -13.91
CA ASN B 263 9.52 -38.49 -14.01
C ASN B 263 9.00 -38.72 -12.61
N LEU B 264 9.88 -38.55 -11.64
CA LEU B 264 9.50 -38.76 -10.26
C LEU B 264 10.31 -37.85 -9.34
N LEU B 265 9.67 -37.44 -8.25
CA LEU B 265 10.39 -36.76 -7.19
C LEU B 265 10.07 -37.40 -5.84
N ILE B 266 11.12 -37.81 -5.15
CA ILE B 266 11.04 -38.41 -3.83
C ILE B 266 11.58 -37.39 -2.84
N THR B 267 10.78 -37.04 -1.83
CA THR B 267 11.14 -35.90 -0.99
C THR B 267 10.50 -35.92 0.39
N ASN B 268 11.00 -35.07 1.28
CA ASN B 268 10.29 -34.70 2.51
C ASN B 268 9.28 -33.57 2.25
N ASP B 269 8.26 -33.47 3.11
CA ASP B 269 7.27 -32.40 3.04
C ASP B 269 7.95 -31.05 3.26
N SER B 270 8.29 -30.39 2.17
CA SER B 270 9.10 -29.21 2.29
C SER B 270 9.16 -28.45 0.98
N GLY B 271 9.91 -27.37 0.99
CA GLY B 271 9.86 -26.34 -0.04
C GLY B 271 9.89 -26.86 -1.46
N PRO B 272 10.97 -27.54 -1.82
CA PRO B 272 11.10 -28.09 -3.16
C PRO B 272 9.97 -29.04 -3.54
N MSE B 273 9.38 -29.74 -2.56
CA MSE B 273 8.27 -30.62 -2.91
C MSE B 273 7.26 -29.89 -3.78
O MSE B 273 6.81 -30.38 -4.83
CB MSE B 273 7.57 -31.18 -1.65
CG MSE B 273 6.35 -32.03 -2.00
SE MSE B 273 5.60 -33.10 -0.55
CE MSE B 273 4.75 -31.74 0.56
N HIS B 274 6.90 -28.67 -3.34
CA HIS B 274 5.93 -27.83 -4.02
C HIS B 274 6.43 -27.35 -5.38
N VAL B 275 7.70 -27.02 -5.46
CA VAL B 275 8.29 -26.67 -6.75
C VAL B 275 8.06 -27.79 -7.73
N GLY B 276 8.45 -29.01 -7.35
CA GLY B 276 8.20 -30.19 -8.15
C GLY B 276 6.74 -30.21 -8.57
N ILE B 277 5.85 -30.34 -7.58
CA ILE B 277 4.43 -30.36 -7.86
C ILE B 277 4.02 -29.30 -8.88
N SER B 278 4.52 -28.08 -8.72
CA SER B 278 4.12 -26.98 -9.62
C SER B 278 4.49 -27.26 -11.07
N GLN B 279 5.35 -28.28 -11.27
CA GLN B 279 5.81 -28.72 -12.60
C GLN B 279 5.13 -30.00 -13.15
N GLY B 280 4.22 -30.59 -12.36
CA GLY B 280 3.48 -31.76 -12.78
C GLY B 280 4.22 -33.06 -12.49
N VAL B 281 5.26 -32.94 -11.68
CA VAL B 281 6.05 -34.09 -11.26
C VAL B 281 5.34 -34.97 -10.22
N PRO B 282 5.21 -36.28 -10.51
CA PRO B 282 4.67 -37.20 -9.49
C PRO B 282 5.56 -37.24 -8.24
N ILE B 283 4.94 -37.39 -7.08
CA ILE B 283 5.61 -37.14 -5.82
C ILE B 283 5.48 -38.32 -4.89
N VAL B 284 6.60 -38.85 -4.43
CA VAL B 284 6.54 -39.79 -3.33
C VAL B 284 7.06 -39.06 -2.12
N ALA B 285 6.15 -38.80 -1.19
CA ALA B 285 6.44 -37.86 -0.11
C ALA B 285 6.62 -38.55 1.23
N LEU B 286 7.79 -38.35 1.83
CA LEU B 286 8.09 -38.80 3.19
C LEU B 286 7.67 -37.73 4.18
N TYR B 287 6.43 -37.81 4.64
CA TYR B 287 5.82 -36.72 5.40
C TYR B 287 6.15 -36.84 6.87
N GLY B 288 6.71 -35.78 7.43
CA GLY B 288 7.08 -35.76 8.84
C GLY B 288 5.93 -35.79 9.85
N PRO B 289 6.11 -35.07 10.96
CA PRO B 289 5.18 -35.02 12.10
C PRO B 289 4.02 -34.04 11.94
N SER B 290 3.84 -33.50 10.75
CA SER B 290 2.67 -32.72 10.40
C SER B 290 1.62 -33.64 9.72
N ASN B 291 0.35 -33.38 9.95
CA ASN B 291 -0.72 -34.04 9.20
C ASN B 291 -0.70 -33.59 7.75
N PRO B 292 -0.58 -34.55 6.82
CA PRO B 292 -0.42 -34.23 5.38
C PRO B 292 -1.63 -33.55 4.76
N PHE B 293 -2.72 -33.44 5.52
CA PHE B 293 -3.95 -32.86 5.00
C PHE B 293 -3.76 -31.40 4.65
N PHE B 294 -3.08 -30.68 5.51
CA PHE B 294 -3.01 -29.23 5.42
C PHE B 294 -1.94 -28.75 4.45
N TYR B 295 -0.75 -29.35 4.53
CA TYR B 295 0.38 -28.85 3.75
C TYR B 295 0.90 -29.90 2.80
N GLY B 296 0.06 -30.90 2.59
CA GLY B 296 0.41 -32.01 1.73
C GLY B 296 0.44 -31.61 0.27
N PRO B 297 0.62 -32.59 -0.62
CA PRO B 297 0.59 -32.32 -2.05
C PRO B 297 -0.81 -31.87 -2.45
N TYR B 298 -0.88 -30.80 -3.22
CA TYR B 298 -2.14 -30.20 -3.60
C TYR B 298 -2.48 -30.49 -5.05
N GLN B 299 -3.61 -31.15 -5.25
CA GLN B 299 -4.07 -31.52 -6.59
C GLN B 299 -2.91 -32.07 -7.37
N ALA B 300 -2.36 -33.20 -6.91
CA ALA B 300 -1.16 -33.77 -7.54
C ALA B 300 -1.11 -35.31 -7.63
N HIS B 301 -0.33 -35.81 -8.59
CA HIS B 301 -0.06 -37.23 -8.65
C HIS B 301 0.90 -37.59 -7.53
N ALA B 302 0.39 -38.18 -6.46
CA ALA B 302 1.25 -38.42 -5.31
C ALA B 302 0.85 -39.57 -4.38
N ILE B 303 1.84 -40.27 -3.85
CA ILE B 303 1.63 -41.18 -2.74
C ILE B 303 2.38 -40.60 -1.54
N VAL B 304 1.70 -40.50 -0.41
CA VAL B 304 2.29 -39.89 0.78
C VAL B 304 2.54 -40.95 1.86
N LEU B 305 3.77 -41.01 2.36
CA LEU B 305 4.08 -41.93 3.43
C LEU B 305 4.11 -41.22 4.79
N GLU B 306 3.05 -41.41 5.60
CA GLU B 306 2.93 -40.72 6.87
C GLU B 306 3.92 -41.27 7.90
N THR B 307 4.00 -40.61 9.05
CA THR B 307 4.89 -41.08 10.12
C THR B 307 4.17 -41.11 11.46
N MSE B 308 2.89 -40.79 11.44
CA MSE B 308 2.00 -40.95 12.57
C MSE B 308 0.67 -41.43 11.99
O MSE B 308 0.51 -41.46 10.77
CB MSE B 308 1.83 -39.63 13.33
CG MSE B 308 3.11 -38.79 13.47
SE MSE B 308 2.84 -37.06 14.36
CE MSE B 308 2.91 -37.66 16.22
N ASP B 309 -0.27 -41.80 12.84
CA ASP B 309 -1.55 -42.25 12.34
C ASP B 309 -2.66 -41.35 12.85
N SER B 310 -2.29 -40.49 13.80
CA SER B 310 -3.21 -39.52 14.41
C SER B 310 -2.48 -38.24 14.82
N TYR B 311 -3.14 -37.10 14.62
CA TYR B 311 -2.57 -35.80 14.96
C TYR B 311 -3.58 -34.96 15.76
N GLU B 312 -3.12 -33.88 16.38
CA GLU B 312 -4.01 -32.98 17.12
C GLU B 312 -3.41 -31.59 17.37
N SER B 316 2.69 -26.37 16.93
CA SER B 316 2.64 -27.78 17.30
C SER B 316 4.00 -28.25 17.84
N MSE B 317 5.05 -27.90 17.10
CA MSE B 317 6.44 -28.27 17.42
C MSE B 317 6.68 -28.74 18.85
O MSE B 317 7.20 -29.84 19.06
CB MSE B 317 7.37 -27.11 17.08
N LYS B 318 6.31 -27.92 19.82
CA LYS B 318 6.57 -28.18 21.24
C LYS B 318 6.01 -29.52 21.71
N LYS B 319 4.74 -29.80 21.37
CA LYS B 319 4.08 -31.01 21.81
C LYS B 319 4.61 -32.26 21.10
N ILE B 320 4.87 -32.12 19.80
CA ILE B 320 5.41 -33.23 19.02
C ILE B 320 6.74 -33.69 19.63
N ILE B 321 7.68 -32.77 19.76
CA ILE B 321 8.96 -33.05 20.40
C ILE B 321 8.78 -33.55 21.85
N LYS B 322 7.85 -32.93 22.57
CA LYS B 322 7.56 -33.29 23.96
C LYS B 322 7.11 -34.74 24.07
N GLU B 323 6.10 -35.12 23.29
CA GLU B 323 5.58 -36.48 23.28
C GLU B 323 6.72 -37.49 23.13
N GLY B 324 7.92 -36.98 22.83
CA GLY B 324 9.08 -37.81 22.64
C GLY B 324 8.79 -38.83 21.56
N ASN B 325 8.84 -40.11 21.93
CA ASN B 325 8.56 -41.21 21.01
C ASN B 325 9.11 -40.98 19.62
N TYR B 326 8.39 -40.15 18.86
CA TYR B 326 8.64 -39.91 17.45
C TYR B 326 10.07 -40.20 17.01
N LYS B 327 10.23 -41.23 16.18
CA LYS B 327 11.54 -41.67 15.74
C LYS B 327 11.78 -41.24 14.29
N GLY B 328 11.92 -39.94 14.09
CA GLY B 328 12.17 -39.39 12.76
C GLY B 328 11.22 -39.99 11.75
N LEU B 329 11.60 -39.95 10.49
CA LEU B 329 10.76 -40.54 9.45
C LEU B 329 11.41 -41.81 8.96
N SER B 330 12.30 -42.34 9.78
CA SER B 330 12.89 -43.66 9.60
C SER B 330 11.86 -44.73 9.95
N VAL B 331 10.68 -44.27 10.38
CA VAL B 331 9.53 -45.13 10.53
C VAL B 331 9.15 -45.73 9.16
N ILE B 332 9.57 -45.03 8.11
CA ILE B 332 9.37 -45.45 6.73
C ILE B 332 10.49 -46.39 6.31
N SER B 333 10.13 -47.48 5.65
CA SER B 333 11.10 -48.46 5.17
C SER B 333 11.56 -48.19 3.74
N GLU B 334 12.74 -48.70 3.40
CA GLU B 334 13.21 -48.63 2.01
C GLU B 334 12.18 -49.17 1.02
N GLU B 335 11.47 -50.21 1.44
CA GLU B 335 10.50 -50.87 0.58
C GLU B 335 9.33 -49.96 0.22
N GLN B 336 8.61 -49.45 1.21
CA GLN B 336 7.41 -48.67 0.93
C GLN B 336 7.67 -47.47 0.02
N VAL B 337 8.85 -46.86 0.18
CA VAL B 337 9.26 -45.77 -0.71
C VAL B 337 9.19 -46.30 -2.13
N ILE B 338 10.01 -47.31 -2.38
CA ILE B 338 10.12 -47.96 -3.68
C ILE B 338 8.78 -48.43 -4.23
N LYS B 339 8.06 -49.20 -3.43
CA LYS B 339 6.71 -49.61 -3.79
C LYS B 339 5.95 -48.41 -4.36
N ALA B 340 5.95 -47.30 -3.63
CA ALA B 340 5.21 -46.10 -4.06
C ALA B 340 5.82 -45.46 -5.30
N ALA B 341 7.15 -45.40 -5.36
CA ALA B 341 7.80 -44.83 -6.52
C ALA B 341 7.52 -45.64 -7.78
N GLU B 342 7.24 -46.93 -7.61
CA GLU B 342 7.00 -47.81 -8.77
C GLU B 342 5.60 -47.62 -9.29
N THR B 343 4.64 -47.78 -8.40
CA THR B 343 3.25 -47.47 -8.71
C THR B 343 3.15 -46.21 -9.59
N LEU B 344 3.55 -45.07 -9.04
CA LEU B 344 3.47 -43.80 -9.75
C LEU B 344 4.10 -43.83 -11.14
N LEU B 345 5.24 -44.52 -11.25
CA LEU B 345 5.92 -44.65 -12.52
C LEU B 345 5.08 -45.44 -13.51
N LEU B 346 4.25 -46.35 -12.97
CA LEU B 346 3.37 -47.18 -13.78
C LEU B 346 2.16 -46.42 -14.27
N GLU B 347 1.81 -45.34 -13.56
CA GLU B 347 0.59 -44.57 -13.80
C GLU B 347 0.75 -43.60 -14.96
N SER B 348 1.99 -43.41 -15.39
CA SER B 348 2.30 -42.45 -16.44
C SER B 348 2.94 -43.16 -17.62
S SO4 C . -24.32 4.38 3.02
O1 SO4 C . -24.39 3.87 1.65
O2 SO4 C . -23.17 3.81 3.71
O3 SO4 C . -24.16 5.83 3.00
O4 SO4 C . -25.54 4.04 3.75
S SO4 D . -16.70 3.94 -8.49
O1 SO4 D . -17.40 5.09 -9.09
O2 SO4 D . -15.42 4.37 -7.95
O3 SO4 D . -17.54 3.35 -7.45
O4 SO4 D . -16.46 2.92 -9.53
S SO4 E . -35.64 37.26 -5.88
O1 SO4 E . -34.49 37.64 -6.71
O2 SO4 E . -35.24 36.72 -4.59
O3 SO4 E . -36.47 38.44 -5.61
O4 SO4 E . -36.43 36.26 -6.60
S SO4 F . -29.60 38.34 10.25
O1 SO4 F . -30.81 38.93 9.69
O2 SO4 F . -28.44 39.17 9.96
O3 SO4 F . -29.77 38.17 11.70
O4 SO4 F . -29.41 37.02 9.64
S SO4 G . -27.37 7.61 -5.03
O1 SO4 G . -27.10 8.29 -6.30
O2 SO4 G . -26.12 7.22 -4.36
O3 SO4 G . -28.11 8.50 -4.13
O4 SO4 G . -28.16 6.42 -5.33
S SO4 H . 10.50 -24.29 2.97
O1 SO4 H . 9.19 -23.82 2.51
O2 SO4 H . 11.43 -24.43 1.84
O3 SO4 H . 11.03 -23.29 3.91
O4 SO4 H . 10.35 -25.59 3.63
S SO4 I . -6.08 -19.54 14.48
O1 SO4 I . -6.17 -19.14 13.08
O2 SO4 I . -4.73 -20.02 14.80
O3 SO4 I . -6.42 -18.38 15.31
O4 SO4 I . -7.05 -20.60 14.77
S SO4 J . -11.68 -20.91 18.15
O1 SO4 J . -10.69 -21.58 17.30
O2 SO4 J . -11.71 -21.55 19.46
O3 SO4 J . -11.30 -19.49 18.30
O4 SO4 J . -12.99 -20.99 17.53
S SO4 K . 6.10 -26.63 3.73
O1 SO4 K . 6.14 -25.89 2.46
O2 SO4 K . 7.46 -27.01 4.11
O3 SO4 K . 5.54 -25.77 4.77
O4 SO4 K . 5.28 -27.83 3.58
S SO4 L . -19.30 -5.35 3.72
O1 SO4 L . -18.77 -5.65 2.39
O2 SO4 L . -18.57 -6.14 4.71
O3 SO4 L . -19.13 -3.93 4.01
O4 SO4 L . -20.71 -5.68 3.79
S SO4 M . 6.02 -15.90 10.09
O1 SO4 M . 4.81 -15.70 9.31
O2 SO4 M . 7.18 -15.61 9.25
O3 SO4 M . 6.00 -14.99 11.24
O4 SO4 M . 6.06 -17.29 10.54
#